data_8EJ5
#
_entry.id   8EJ5
#
loop_
_entity.id
_entity.type
_entity.pdbx_description
1 polymer 'gp10, tail tip lysin (spike)'
2 polymer 'gp1, tail tip protein'
#
loop_
_entity_poly.entity_id
_entity_poly.type
_entity_poly.pdbx_seq_one_letter_code
_entity_poly.pdbx_strand_id
1 'polypeptide(L)'
;MNDKEKIDKFIHSNLNDDFGLSVDDLVGKVKGIGRFSAWCGNSSTKIKQVLNAVKSIGVSPALFAAYEKNEGYNGSWGWL
NHTSPQGNYLTDAQFVARKLVSQSRQAGTPSWIDAGNPVDFVPASVKRKGNYDFSHNMKNGKVGRAYIPLTAAATWAAYY
PEGLQASYNRVQNYGNPFLDAANTILGWGGKIDGKGGSSSGSSSSSSGTSGGLDVVARAFEEFLKKLQDSMQWDLHSIGT
DKFFSNQMFTITKTYNNTYRLNMNQKLLDEMKDLISRIDGGSGNDTGADDSDGDHGGKAGKSVAPNGKSGRKIGGNWTYS
NLPQKYKDAIEVPKFDPKYLAGSPFVNTGDTGQCTELTWAYMHQIWGKRQPAWDNQVTNGQRVWVVYRNQGARVTHRPTV
GYGFSSKPNYLQAMLPGVGHTGVVVAVFKDGSFLTANYNVPPYWAPSRVVEYALIDGVPENAGDNIMFFSGIK
;
A
2 'polypeptide(L)'
;VTNEKGQAYTEMLQLFNLLQQWNDFYTAENANNLLVACQQLLINYNEPVIKFINDENEDKSLLQYLAGDDGLAQWQFYKG
FYNNYNVHIF
;
B,C,D
#
# COMPACT_ATOMS: atom_id res chain seq x y z
N MET A 1 -30.22 6.39 26.06
CA MET A 1 -29.79 4.97 25.97
C MET A 1 -29.87 4.33 27.35
N ASN A 2 -30.62 3.24 27.49
CA ASN A 2 -30.71 2.51 28.78
C ASN A 2 -29.43 1.68 28.96
N ASP A 3 -29.17 1.14 30.15
CA ASP A 3 -27.90 0.43 30.42
C ASP A 3 -27.74 -0.81 29.53
N LYS A 4 -28.82 -1.54 29.26
CA LYS A 4 -28.77 -2.72 28.36
C LYS A 4 -28.34 -2.30 26.96
N GLU A 5 -28.91 -1.20 26.44
CA GLU A 5 -28.55 -0.68 25.09
C GLU A 5 -27.08 -0.23 25.09
N LYS A 6 -26.61 0.39 26.18
CA LYS A 6 -25.19 0.82 26.29
C LYS A 6 -24.28 -0.40 26.23
N ILE A 7 -24.58 -1.44 27.00
CA ILE A 7 -23.74 -2.67 27.04
C ILE A 7 -23.76 -3.30 25.65
N ASP A 8 -24.94 -3.43 25.04
CA ASP A 8 -25.07 -4.12 23.73
C ASP A 8 -24.26 -3.37 22.66
N LYS A 9 -24.40 -2.06 22.58
CA LYS A 9 -23.63 -1.27 21.58
C LYS A 9 -22.14 -1.33 21.91
N PHE A 10 -21.77 -1.26 23.18
CA PHE A 10 -20.34 -1.24 23.58
C PHE A 10 -19.64 -2.56 23.25
N ILE A 11 -20.24 -3.69 23.58
CA ILE A 11 -19.61 -5.02 23.30
C ILE A 11 -19.53 -5.24 21.78
N HIS A 12 -20.43 -4.61 21.01
CA HIS A 12 -20.47 -4.77 19.52
C HIS A 12 -19.61 -3.71 18.83
N SER A 13 -18.98 -2.79 19.57
CA SER A 13 -18.04 -1.80 18.97
C SER A 13 -16.76 -2.54 18.58
N ASN A 14 -16.02 -1.99 17.62
CA ASN A 14 -14.70 -2.59 17.26
C ASN A 14 -13.73 -2.39 18.43
N LEU A 15 -12.78 -3.31 18.60
CA LEU A 15 -11.77 -3.21 19.68
C LEU A 15 -10.92 -1.96 19.46
N ASN A 16 -10.79 -1.49 18.22
CA ASN A 16 -9.97 -0.30 17.86
C ASN A 16 -10.82 0.97 17.72
N ASP A 17 -12.09 0.93 18.10
CA ASP A 17 -13.01 2.09 18.00
C ASP A 17 -12.51 3.23 18.89
N ASP A 18 -12.34 4.44 18.36
CA ASP A 18 -11.81 5.59 19.14
C ASP A 18 -12.90 6.10 20.11
N PHE A 19 -14.18 5.77 19.86
CA PHE A 19 -15.33 6.19 20.70
C PHE A 19 -15.39 7.73 20.74
N GLY A 20 -14.91 8.37 19.68
CA GLY A 20 -14.95 9.85 19.58
C GLY A 20 -13.94 10.53 20.50
N LEU A 21 -12.95 9.81 21.00
CA LEU A 21 -11.90 10.39 21.88
C LEU A 21 -10.50 10.19 21.29
N SER A 22 -9.76 11.28 21.08
CA SER A 22 -8.38 11.21 20.57
C SER A 22 -7.43 10.88 21.74
N VAL A 23 -6.19 10.53 21.44
CA VAL A 23 -5.19 10.27 22.51
C VAL A 23 -4.99 11.57 23.31
N ASP A 24 -5.01 12.72 22.65
CA ASP A 24 -4.80 14.02 23.32
C ASP A 24 -5.96 14.31 24.28
N ASP A 25 -7.20 13.97 23.92
CA ASP A 25 -8.37 14.15 24.81
C ASP A 25 -8.20 13.31 26.08
N LEU A 26 -7.69 12.09 25.95
CA LEU A 26 -7.55 11.15 27.10
C LEU A 26 -6.39 11.51 28.03
N VAL A 27 -5.28 12.07 27.54
CA VAL A 27 -4.06 12.29 28.37
C VAL A 27 -4.36 13.07 29.66
N GLY A 28 -5.15 14.14 29.58
CA GLY A 28 -5.51 14.93 30.78
C GLY A 28 -6.47 14.15 31.67
N LYS A 29 -7.39 13.38 31.07
CA LYS A 29 -8.44 12.65 31.83
C LYS A 29 -7.90 11.45 32.60
N VAL A 30 -6.79 10.85 32.17
CA VAL A 30 -6.25 9.62 32.82
C VAL A 30 -5.17 9.98 33.85
N LYS A 31 -4.87 11.26 34.03
CA LYS A 31 -3.93 11.65 35.12
C LYS A 31 -4.57 11.31 36.46
N GLY A 32 -3.81 10.69 37.36
CA GLY A 32 -4.31 10.30 38.70
C GLY A 32 -4.94 8.92 38.66
N ILE A 33 -5.01 8.27 37.50
CA ILE A 33 -5.72 6.98 37.38
C ILE A 33 -4.70 5.83 37.43
N GLY A 34 -4.80 4.96 38.45
CA GLY A 34 -3.97 3.75 38.61
C GLY A 34 -2.56 3.80 38.04
N ARG A 35 -2.25 2.91 37.09
CA ARG A 35 -0.88 2.76 36.51
C ARG A 35 -0.47 4.01 35.72
N PHE A 36 -1.40 4.77 35.17
CA PHE A 36 -1.00 6.04 34.52
C PHE A 36 -0.37 6.94 35.58
N SER A 37 -0.89 6.92 36.80
CA SER A 37 -0.29 7.69 37.91
C SER A 37 0.96 6.96 38.42
N ALA A 38 0.84 5.69 38.79
CA ALA A 38 1.94 4.93 39.44
C ALA A 38 3.14 4.66 38.53
N TRP A 39 2.92 4.32 37.25
CA TRP A 39 4.03 3.92 36.34
C TRP A 39 4.45 5.07 35.41
N CYS A 40 3.49 5.84 34.92
CA CYS A 40 3.80 6.94 33.99
C CYS A 40 4.06 8.23 34.77
N GLY A 41 3.84 8.24 36.09
CA GLY A 41 4.13 9.42 36.93
C GLY A 41 3.30 10.61 36.51
N ASN A 42 2.14 10.38 35.91
CA ASN A 42 1.21 11.45 35.43
C ASN A 42 1.90 12.27 34.32
N SER A 43 2.95 11.72 33.72
CA SER A 43 3.67 12.42 32.63
C SER A 43 2.84 12.37 31.36
N SER A 44 2.46 13.52 30.83
CA SER A 44 1.65 13.59 29.59
C SER A 44 2.40 12.82 28.48
N THR A 45 3.72 12.95 28.43
CA THR A 45 4.54 12.27 27.39
C THR A 45 4.45 10.75 27.53
N LYS A 46 4.63 10.20 28.73
CA LYS A 46 4.59 8.72 28.94
C LYS A 46 3.17 8.21 28.70
N ILE A 47 2.16 8.96 29.13
CA ILE A 47 0.74 8.57 28.91
C ILE A 47 0.48 8.52 27.41
N LYS A 48 0.94 9.52 26.65
CA LYS A 48 0.75 9.56 25.18
C LYS A 48 1.45 8.36 24.55
N GLN A 49 2.63 8.00 25.03
CA GLN A 49 3.38 6.84 24.48
C GLN A 49 2.56 5.57 24.66
N VAL A 50 1.99 5.34 25.84
CA VAL A 50 1.18 4.11 26.13
C VAL A 50 -0.06 4.12 25.22
N LEU A 51 -0.80 5.23 25.20
CA LEU A 51 -2.09 5.29 24.44
C LEU A 51 -1.83 5.15 22.94
N ASN A 52 -0.76 5.74 22.41
CA ASN A 52 -0.41 5.58 20.98
C ASN A 52 0.04 4.14 20.70
N ALA A 53 0.78 3.53 21.60
CA ALA A 53 1.26 2.13 21.42
C ALA A 53 0.06 1.18 21.34
N VAL A 54 -0.91 1.29 22.25
CA VAL A 54 -2.09 0.37 22.25
C VAL A 54 -2.90 0.65 20.97
N LYS A 55 -3.03 1.92 20.55
CA LYS A 55 -3.75 2.29 19.31
C LYS A 55 -3.08 1.63 18.10
N SER A 56 -1.75 1.69 18.02
CA SER A 56 -0.99 1.15 16.85
C SER A 56 -1.19 -0.37 16.75
N ILE A 57 -1.35 -1.05 17.89
CA ILE A 57 -1.55 -2.53 17.92
C ILE A 57 -3.01 -2.88 17.54
N GLY A 58 -3.92 -1.93 17.62
CA GLY A 58 -5.33 -2.17 17.22
C GLY A 58 -6.27 -2.19 18.41
N VAL A 59 -5.89 -1.57 19.53
CA VAL A 59 -6.79 -1.46 20.71
C VAL A 59 -7.13 0.01 20.95
N SER A 60 -8.39 0.29 21.23
CA SER A 60 -8.85 1.67 21.49
C SER A 60 -8.16 2.27 22.70
N PRO A 61 -7.52 3.46 22.60
CA PRO A 61 -6.97 4.14 23.76
C PRO A 61 -8.06 4.44 24.81
N ALA A 62 -9.26 4.80 24.38
CA ALA A 62 -10.39 5.11 25.29
C ALA A 62 -10.80 3.84 26.04
N LEU A 63 -10.90 2.69 25.35
CA LEU A 63 -11.26 1.41 25.99
C LEU A 63 -10.18 1.00 26.99
N PHE A 64 -8.92 1.09 26.58
CA PHE A 64 -7.78 0.70 27.44
C PHE A 64 -7.74 1.58 28.69
N ALA A 65 -7.93 2.88 28.52
CA ALA A 65 -7.93 3.85 29.64
C ALA A 65 -9.14 3.62 30.55
N ALA A 66 -10.31 3.36 29.98
CA ALA A 66 -11.55 3.13 30.75
C ALA A 66 -11.40 1.84 31.56
N TYR A 67 -10.77 0.83 30.99
CA TYR A 67 -10.52 -0.46 31.70
C TYR A 67 -9.66 -0.17 32.93
N GLU A 68 -8.54 0.54 32.76
CA GLU A 68 -7.60 0.83 33.88
C GLU A 68 -8.33 1.61 34.98
N LYS A 69 -9.17 2.55 34.60
CA LYS A 69 -9.88 3.40 35.60
C LYS A 69 -10.83 2.55 36.44
N ASN A 70 -11.57 1.65 35.83
CA ASN A 70 -12.56 0.81 36.54
C ASN A 70 -11.88 -0.29 37.36
N GLU A 71 -10.87 -0.96 36.80
CA GLU A 71 -10.22 -2.11 37.47
C GLU A 71 -9.44 -1.65 38.71
N GLY A 72 -8.83 -0.47 38.67
CA GLY A 72 -8.08 0.06 39.82
C GLY A 72 -6.61 -0.34 39.77
N TYR A 73 -5.82 0.05 40.76
CA TYR A 73 -4.36 -0.20 40.73
C TYR A 73 -3.93 -1.24 41.76
N ASN A 74 -3.26 -2.30 41.31
CA ASN A 74 -2.63 -3.28 42.22
C ASN A 74 -1.16 -3.29 41.81
N GLY A 75 -0.23 -2.95 42.71
CA GLY A 75 1.19 -2.83 42.35
C GLY A 75 1.71 -4.14 41.78
N SER A 76 1.24 -5.27 42.29
CA SER A 76 1.74 -6.62 41.88
C SER A 76 1.25 -7.01 40.49
N TRP A 77 0.36 -6.25 39.85
CA TRP A 77 -0.26 -6.68 38.56
C TRP A 77 0.07 -5.73 37.40
N GLY A 78 0.07 -6.28 36.18
CA GLY A 78 0.29 -5.48 34.98
C GLY A 78 -0.96 -4.75 34.56
N TRP A 79 -0.96 -4.08 33.40
CA TRP A 79 -2.12 -3.30 32.90
C TRP A 79 -3.34 -4.20 32.78
N LEU A 80 -3.13 -5.51 32.62
CA LEU A 80 -4.26 -6.47 32.63
C LEU A 80 -4.32 -7.09 34.03
N ASN A 81 -5.47 -7.01 34.68
CA ASN A 81 -5.57 -7.50 36.08
C ASN A 81 -5.27 -9.00 36.13
N HIS A 82 -4.67 -9.47 37.21
CA HIS A 82 -4.35 -10.91 37.43
C HIS A 82 -3.19 -11.34 36.53
N THR A 83 -2.43 -10.42 35.95
CA THR A 83 -1.21 -10.76 35.17
C THR A 83 -0.01 -10.11 35.86
N SER A 84 1.16 -10.72 35.80
CA SER A 84 2.38 -10.06 36.33
C SER A 84 2.71 -8.92 35.37
N PRO A 85 3.40 -7.85 35.78
CA PRO A 85 3.87 -6.84 34.83
C PRO A 85 4.91 -7.42 33.86
N GLN A 86 4.80 -7.09 32.56
CA GLN A 86 5.78 -7.55 31.54
C GLN A 86 6.73 -6.40 31.20
N GLY A 87 7.92 -6.37 31.83
CA GLY A 87 8.92 -5.33 31.57
C GLY A 87 8.48 -3.98 32.12
N ASN A 88 8.61 -2.91 31.34
CA ASN A 88 8.26 -1.53 31.79
C ASN A 88 6.82 -1.20 31.41
N TYR A 89 6.33 -0.02 31.81
CA TYR A 89 4.92 0.39 31.56
C TYR A 89 4.60 0.17 30.07
N LEU A 90 5.39 0.74 29.16
CA LEU A 90 5.11 0.66 27.70
C LEU A 90 5.11 -0.79 27.19
N THR A 91 6.10 -1.59 27.56
CA THR A 91 6.21 -3.00 27.10
C THR A 91 4.98 -3.78 27.57
N ASP A 92 4.59 -3.57 28.83
CA ASP A 92 3.42 -4.28 29.41
C ASP A 92 2.14 -3.84 28.70
N ALA A 93 1.96 -2.54 28.45
CA ALA A 93 0.77 -2.02 27.74
C ALA A 93 0.70 -2.65 26.33
N GLN A 94 1.83 -2.73 25.64
CA GLN A 94 1.89 -3.35 24.29
C GLN A 94 1.56 -4.84 24.39
N PHE A 95 2.04 -5.52 25.42
CA PHE A 95 1.74 -6.96 25.63
C PHE A 95 0.24 -7.15 25.83
N VAL A 96 -0.37 -6.35 26.70
CA VAL A 96 -1.83 -6.45 26.99
C VAL A 96 -2.63 -6.14 25.72
N ALA A 97 -2.23 -5.12 24.97
CA ALA A 97 -2.94 -4.75 23.73
C ALA A 97 -2.88 -5.91 22.72
N ARG A 98 -1.72 -6.57 22.57
CA ARG A 98 -1.58 -7.72 21.65
C ARG A 98 -2.47 -8.88 22.15
N LYS A 99 -2.53 -9.11 23.46
CA LYS A 99 -3.37 -10.19 24.03
C LYS A 99 -4.84 -9.91 23.72
N LEU A 100 -5.31 -8.68 23.89
CA LEU A 100 -6.73 -8.31 23.62
C LEU A 100 -7.04 -8.50 22.13
N VAL A 101 -6.13 -8.09 21.25
CA VAL A 101 -6.34 -8.24 19.77
C VAL A 101 -6.40 -9.74 19.44
N SER A 102 -5.49 -10.53 19.99
CA SER A 102 -5.45 -12.00 19.75
C SER A 102 -6.75 -12.62 20.26
N GLN A 103 -7.14 -12.31 21.50
CA GLN A 103 -8.36 -12.87 22.14
C GLN A 103 -9.59 -12.52 21.29
N SER A 104 -9.68 -11.28 20.82
CA SER A 104 -10.86 -10.81 20.05
C SER A 104 -11.00 -11.65 18.77
N ARG A 105 -9.90 -11.94 18.09
CA ARG A 105 -9.92 -12.82 16.89
C ARG A 105 -10.01 -14.29 17.32
N GLN A 106 -9.62 -14.62 18.55
CA GLN A 106 -9.51 -16.03 19.00
C GLN A 106 -10.81 -16.83 19.02
N ALA A 107 -10.70 -18.14 18.82
CA ALA A 107 -11.87 -19.02 19.00
C ALA A 107 -12.22 -18.93 20.47
N GLY A 108 -13.49 -18.75 20.81
CA GLY A 108 -13.85 -18.56 22.22
C GLY A 108 -15.29 -18.88 22.53
N THR A 109 -15.59 -19.12 23.80
CA THR A 109 -16.99 -19.31 24.25
C THR A 109 -17.16 -18.40 25.46
N PRO A 110 -18.35 -17.81 25.70
CA PRO A 110 -18.56 -17.03 26.91
C PRO A 110 -18.25 -17.87 28.17
N SER A 111 -17.55 -17.27 29.13
CA SER A 111 -17.18 -17.94 30.40
C SER A 111 -18.37 -17.90 31.36
N TRP A 112 -19.33 -18.81 31.24
CA TRP A 112 -20.58 -18.74 32.05
C TRP A 112 -20.33 -18.99 33.54
N ILE A 113 -19.24 -19.65 33.91
CA ILE A 113 -18.94 -19.98 35.34
C ILE A 113 -17.64 -19.30 35.77
N ASP A 114 -17.60 -18.68 36.94
CA ASP A 114 -16.36 -18.08 37.47
C ASP A 114 -15.40 -19.24 37.81
N ALA A 115 -14.18 -19.22 37.29
CA ALA A 115 -13.19 -20.29 37.56
C ALA A 115 -12.87 -20.31 39.06
N GLY A 116 -12.70 -19.14 39.68
CA GLY A 116 -12.35 -19.04 41.11
C GLY A 116 -13.43 -19.55 42.02
N ASN A 117 -14.70 -19.28 41.69
CA ASN A 117 -15.86 -19.67 42.53
C ASN A 117 -16.91 -20.31 41.63
N PRO A 118 -16.78 -21.61 41.26
CA PRO A 118 -17.68 -22.18 40.27
C PRO A 118 -19.10 -22.47 40.78
N VAL A 119 -20.03 -21.58 40.47
CA VAL A 119 -21.47 -21.80 40.78
C VAL A 119 -22.22 -21.68 39.45
N ASP A 120 -22.95 -22.71 39.05
CA ASP A 120 -23.75 -22.64 37.80
C ASP A 120 -25.17 -22.23 38.17
N PHE A 121 -25.50 -20.95 37.97
CA PHE A 121 -26.82 -20.40 38.34
C PHE A 121 -27.53 -19.79 37.12
N VAL A 122 -26.82 -19.60 36.00
CA VAL A 122 -27.41 -18.89 34.82
C VAL A 122 -28.37 -19.84 34.10
N PRO A 123 -29.64 -19.45 33.84
CA PRO A 123 -30.59 -20.30 33.13
C PRO A 123 -30.06 -20.80 31.78
N ALA A 124 -30.25 -22.07 31.47
CA ALA A 124 -29.77 -22.68 30.21
C ALA A 124 -30.32 -21.92 29.00
N SER A 125 -31.52 -21.34 29.08
CA SER A 125 -32.11 -20.53 28.00
C SER A 125 -31.27 -19.28 27.75
N VAL A 126 -30.78 -18.63 28.82
CA VAL A 126 -29.91 -17.42 28.70
C VAL A 126 -28.56 -17.85 28.10
N LYS A 127 -28.00 -18.96 28.55
CA LYS A 127 -26.68 -19.44 28.06
C LYS A 127 -26.79 -19.71 26.56
N ARG A 128 -27.88 -20.34 26.11
CA ARG A 128 -28.06 -20.66 24.68
C ARG A 128 -28.13 -19.37 23.85
N LYS A 129 -28.87 -18.37 24.32
CA LYS A 129 -29.01 -17.07 23.59
C LYS A 129 -27.67 -16.34 23.55
N GLY A 130 -26.96 -16.25 24.68
CA GLY A 130 -25.64 -15.60 24.73
C GLY A 130 -24.61 -16.32 23.88
N ASN A 131 -24.62 -17.65 23.91
CA ASN A 131 -23.71 -18.46 23.06
C ASN A 131 -24.01 -18.20 21.59
N TYR A 132 -25.29 -18.11 21.21
CA TYR A 132 -25.69 -17.84 19.82
C TYR A 132 -25.18 -16.45 19.41
N ASP A 133 -25.44 -15.46 20.25
CA ASP A 133 -25.05 -14.07 19.95
C ASP A 133 -23.54 -13.99 19.80
N PHE A 134 -22.79 -14.56 20.75
CA PHE A 134 -21.32 -14.51 20.75
C PHE A 134 -20.73 -15.22 19.52
N SER A 135 -21.35 -16.31 19.05
CA SER A 135 -20.79 -17.13 17.93
C SER A 135 -21.30 -16.64 16.56
N HIS A 136 -22.50 -16.08 16.46
CA HIS A 136 -23.10 -15.69 15.15
C HIS A 136 -23.19 -14.18 14.93
N ASN A 137 -23.50 -13.39 15.97
CA ASN A 137 -23.73 -11.94 15.80
C ASN A 137 -22.45 -11.15 16.13
N MET A 138 -21.62 -11.66 17.02
CA MET A 138 -20.42 -10.89 17.45
C MET A 138 -19.23 -11.25 16.57
N LYS A 139 -18.89 -10.36 15.63
CA LYS A 139 -17.80 -10.61 14.66
C LYS A 139 -16.44 -10.57 15.35
N ASN A 140 -15.40 -11.12 14.72
CA ASN A 140 -14.03 -11.04 15.27
C ASN A 140 -13.58 -9.58 15.37
N GLY A 141 -12.76 -9.24 16.37
CA GLY A 141 -12.23 -7.87 16.52
C GLY A 141 -13.18 -6.95 17.26
N LYS A 142 -14.23 -7.48 17.89
CA LYS A 142 -15.20 -6.67 18.68
C LYS A 142 -14.78 -6.65 20.15
N VAL A 143 -15.23 -5.66 20.91
CA VAL A 143 -14.88 -5.52 22.34
C VAL A 143 -15.36 -6.79 23.07
N GLY A 144 -16.57 -7.26 22.80
CA GLY A 144 -17.12 -8.45 23.47
C GLY A 144 -16.26 -9.67 23.23
N ARG A 145 -15.72 -9.85 22.03
CA ARG A 145 -14.84 -11.01 21.71
C ARG A 145 -13.57 -10.98 22.57
N ALA A 146 -13.10 -9.79 22.95
CA ALA A 146 -11.87 -9.65 23.74
C ALA A 146 -12.13 -9.96 25.22
N TYR A 147 -13.30 -9.58 25.76
CA TYR A 147 -13.54 -9.70 27.23
C TYR A 147 -14.51 -10.80 27.65
N ILE A 148 -15.53 -11.14 26.87
CA ILE A 148 -16.59 -12.11 27.31
C ILE A 148 -15.97 -13.48 27.63
N PRO A 149 -15.07 -14.06 26.83
CA PRO A 149 -14.44 -15.33 27.20
C PRO A 149 -13.56 -15.22 28.45
N LEU A 150 -12.90 -14.09 28.68
CA LEU A 150 -11.91 -13.94 29.79
C LEU A 150 -12.54 -14.12 31.19
N THR A 151 -13.74 -13.61 31.47
CA THR A 151 -14.29 -13.69 32.85
C THR A 151 -15.80 -13.96 32.88
N ALA A 152 -16.27 -14.56 33.97
CA ALA A 152 -17.71 -14.81 34.16
C ALA A 152 -18.43 -13.47 34.36
N ALA A 153 -17.81 -12.51 35.05
CA ALA A 153 -18.40 -11.18 35.25
C ALA A 153 -18.68 -10.52 33.89
N ALA A 154 -17.75 -10.60 32.95
CA ALA A 154 -17.96 -10.04 31.59
C ALA A 154 -19.11 -10.78 30.89
N THR A 155 -19.15 -12.11 30.98
CA THR A 155 -20.22 -12.91 30.35
C THR A 155 -21.59 -12.55 30.95
N TRP A 156 -21.67 -12.43 32.27
CA TRP A 156 -22.94 -12.07 32.95
C TRP A 156 -23.32 -10.64 32.58
N ALA A 157 -22.37 -9.71 32.59
CA ALA A 157 -22.64 -8.29 32.26
C ALA A 157 -23.27 -8.20 30.86
N ALA A 158 -22.82 -9.01 29.91
CA ALA A 158 -23.32 -8.96 28.52
C ALA A 158 -24.67 -9.65 28.38
N TYR A 159 -24.88 -10.81 28.99
CA TYR A 159 -26.09 -11.63 28.70
C TYR A 159 -27.02 -11.86 29.90
N TYR A 160 -26.54 -11.70 31.12
CA TYR A 160 -27.35 -11.92 32.34
C TYR A 160 -26.88 -10.95 33.44
N PRO A 161 -27.09 -9.62 33.31
CA PRO A 161 -26.55 -8.62 34.26
C PRO A 161 -26.92 -8.88 35.73
N GLU A 162 -28.07 -9.50 35.98
CA GLU A 162 -28.54 -9.83 37.36
C GLU A 162 -27.54 -10.79 37.99
N GLY A 163 -26.84 -11.59 37.17
CA GLY A 163 -25.83 -12.56 37.66
C GLY A 163 -24.65 -11.89 38.33
N LEU A 164 -24.45 -10.58 38.14
CA LEU A 164 -23.36 -9.84 38.83
C LEU A 164 -23.69 -9.76 40.33
N GLN A 165 -24.95 -9.90 40.74
CA GLN A 165 -25.35 -9.75 42.17
C GLN A 165 -25.09 -11.04 42.95
N ALA A 166 -24.65 -10.91 44.20
CA ALA A 166 -24.37 -12.06 45.09
C ALA A 166 -25.63 -12.89 45.27
N SER A 167 -26.80 -12.26 45.23
CA SER A 167 -28.07 -13.01 45.35
C SER A 167 -28.10 -14.10 44.27
N TYR A 168 -27.84 -13.74 43.01
CA TYR A 168 -27.91 -14.70 41.88
C TYR A 168 -26.70 -15.63 41.83
N ASN A 169 -25.48 -15.09 41.92
CA ASN A 169 -24.24 -15.92 41.76
C ASN A 169 -23.90 -16.67 43.05
N ARG A 170 -24.41 -16.25 44.21
CA ARG A 170 -24.24 -16.94 45.52
C ARG A 170 -22.79 -16.81 46.03
N VAL A 171 -21.98 -15.92 45.44
CA VAL A 171 -20.57 -15.73 45.86
C VAL A 171 -20.37 -14.28 46.32
N GLN A 172 -20.47 -13.31 45.40
CA GLN A 172 -20.18 -11.90 45.75
C GLN A 172 -20.80 -10.93 44.74
N ASN A 173 -20.80 -9.64 45.05
CA ASN A 173 -21.26 -8.63 44.07
C ASN A 173 -20.10 -8.32 43.12
N TYR A 174 -20.31 -8.39 41.82
CA TYR A 174 -19.26 -8.13 40.80
C TYR A 174 -19.53 -6.80 40.13
N GLY A 175 -18.49 -6.10 39.69
CA GLY A 175 -18.66 -4.84 38.94
C GLY A 175 -19.19 -5.16 37.55
N ASN A 176 -19.75 -4.17 36.87
CA ASN A 176 -20.23 -4.36 35.48
C ASN A 176 -19.16 -3.81 34.54
N PRO A 177 -18.19 -4.63 34.05
CA PRO A 177 -17.07 -4.11 33.27
C PRO A 177 -17.48 -3.32 32.02
N PHE A 178 -18.54 -3.75 31.34
CA PHE A 178 -18.98 -3.10 30.09
C PHE A 178 -19.72 -1.80 30.39
N LEU A 179 -20.63 -1.80 31.37
CA LEU A 179 -21.39 -0.58 31.71
C LEU A 179 -20.45 0.47 32.33
N ASP A 180 -19.53 0.04 33.19
CA ASP A 180 -18.59 0.98 33.86
C ASP A 180 -17.65 1.59 32.83
N ALA A 181 -17.15 0.79 31.88
CA ALA A 181 -16.27 1.30 30.80
C ALA A 181 -17.06 2.23 29.90
N ALA A 182 -18.28 1.84 29.52
CA ALA A 182 -19.15 2.67 28.66
C ALA A 182 -19.44 4.01 29.35
N ASN A 183 -19.81 3.99 30.63
CA ASN A 183 -20.13 5.22 31.39
C ASN A 183 -18.88 6.09 31.53
N THR A 184 -17.71 5.49 31.73
CA THR A 184 -16.44 6.26 31.83
C THR A 184 -16.15 6.95 30.50
N ILE A 185 -16.27 6.25 29.38
CA ILE A 185 -16.00 6.84 28.03
C ILE A 185 -17.02 7.96 27.76
N LEU A 186 -18.29 7.74 28.06
CA LEU A 186 -19.34 8.79 27.89
C LEU A 186 -19.03 9.97 28.81
N GLY A 187 -18.61 9.71 30.05
CA GLY A 187 -18.27 10.78 31.01
C GLY A 187 -17.12 11.60 30.48
N TRP A 188 -16.16 10.96 29.80
CA TRP A 188 -15.00 11.65 29.20
C TRP A 188 -15.40 12.43 27.94
N GLY A 189 -16.59 12.17 27.39
CA GLY A 189 -17.05 12.83 26.15
C GLY A 189 -17.02 11.85 24.98
N GLY A 190 -16.64 10.60 25.22
CA GLY A 190 -16.68 9.55 24.18
C GLY A 190 -18.11 9.12 23.87
N LYS A 191 -18.39 8.70 22.64
CA LYS A 191 -19.78 8.35 22.21
C LYS A 191 -19.83 6.87 21.80
N ILE A 192 -20.86 6.15 22.25
CA ILE A 192 -21.04 4.71 21.92
C ILE A 192 -22.21 4.54 20.95
N ASP A 193 -21.94 4.18 19.70
CA ASP A 193 -23.00 4.03 18.66
C ASP A 193 -23.01 2.59 18.13
N GLY A 194 -22.07 1.74 18.53
CA GLY A 194 -21.98 0.34 18.05
C GLY A 194 -21.33 0.24 16.68
N GLY A 211 -15.34 10.63 -4.89
CA GLY A 211 -14.40 9.70 -5.54
C GLY A 211 -13.75 10.32 -6.75
N GLY A 212 -13.68 11.65 -6.82
CA GLY A 212 -13.08 12.37 -7.96
C GLY A 212 -14.08 12.64 -9.06
N LEU A 213 -15.35 12.26 -8.87
CA LEU A 213 -16.39 12.57 -9.89
C LEU A 213 -16.55 14.09 -9.93
N ASP A 214 -16.49 14.73 -8.77
CA ASP A 214 -16.63 16.20 -8.69
C ASP A 214 -15.52 16.77 -9.57
N VAL A 215 -14.34 16.16 -9.50
CA VAL A 215 -13.18 16.64 -10.29
C VAL A 215 -13.63 16.62 -11.74
N VAL A 216 -14.39 15.61 -12.13
CA VAL A 216 -14.86 15.52 -13.54
C VAL A 216 -15.69 16.77 -13.81
N ALA A 217 -16.59 17.14 -12.89
CA ALA A 217 -17.49 18.30 -13.07
C ALA A 217 -16.66 19.58 -13.18
N ARG A 218 -15.68 19.76 -12.29
CA ARG A 218 -14.78 20.94 -12.33
C ARG A 218 -14.11 20.96 -13.70
N ALA A 219 -13.70 19.81 -14.21
CA ALA A 219 -13.00 19.71 -15.51
C ALA A 219 -13.93 20.29 -16.59
N PHE A 220 -15.19 19.87 -16.61
CA PHE A 220 -16.19 20.35 -17.61
C PHE A 220 -16.34 21.88 -17.48
N GLU A 221 -16.42 22.37 -16.24
CA GLU A 221 -16.60 23.83 -15.99
C GLU A 221 -15.39 24.56 -16.58
N GLU A 222 -14.20 24.01 -16.39
CA GLU A 222 -12.96 24.62 -16.93
C GLU A 222 -13.10 24.68 -18.45
N PHE A 223 -13.54 23.60 -19.08
CA PHE A 223 -13.73 23.55 -20.56
C PHE A 223 -14.67 24.68 -20.98
N LEU A 224 -15.78 24.84 -20.27
CA LEU A 224 -16.74 25.94 -20.57
C LEU A 224 -15.99 27.27 -20.46
N LYS A 225 -15.19 27.44 -19.40
CA LYS A 225 -14.38 28.65 -19.21
C LYS A 225 -13.37 28.74 -20.36
N LYS A 226 -12.82 27.61 -20.78
CA LYS A 226 -11.83 27.56 -21.90
C LYS A 226 -12.53 28.09 -23.15
N LEU A 227 -13.79 27.73 -23.35
CA LEU A 227 -14.59 28.22 -24.51
C LEU A 227 -14.65 29.75 -24.41
N GLN A 228 -14.89 30.30 -23.22
CA GLN A 228 -14.91 31.78 -23.02
C GLN A 228 -13.55 32.35 -23.40
N ASP A 229 -12.45 31.72 -22.97
CA ASP A 229 -11.07 32.21 -23.19
C ASP A 229 -10.78 32.28 -24.69
N SER A 230 -11.21 31.27 -25.45
CA SER A 230 -10.98 31.27 -26.91
C SER A 230 -11.68 32.50 -27.49
N MET A 231 -12.89 32.80 -27.01
CA MET A 231 -13.72 33.92 -27.54
C MET A 231 -13.10 35.27 -27.15
N GLN A 232 -12.28 35.33 -26.11
CA GLN A 232 -11.74 36.62 -25.62
C GLN A 232 -11.00 37.35 -26.74
N TRP A 233 -10.24 36.63 -27.56
CA TRP A 233 -9.42 37.23 -28.64
C TRP A 233 -10.31 37.84 -29.74
N ASP A 234 -10.00 39.06 -30.21
CA ASP A 234 -10.80 39.76 -31.25
C ASP A 234 -10.72 39.09 -32.62
N LEU A 235 -11.81 39.10 -33.38
CA LEU A 235 -11.83 38.57 -34.78
C LEU A 235 -11.20 39.57 -35.76
N HIS A 236 -10.78 39.07 -36.92
CA HIS A 236 -10.21 39.92 -38.02
C HIS A 236 -11.16 39.77 -39.20
N SER A 237 -11.05 40.65 -40.19
CA SER A 237 -11.88 40.53 -41.41
C SER A 237 -11.19 39.60 -42.41
N ILE A 238 -11.88 38.54 -42.84
CA ILE A 238 -11.38 37.63 -43.89
C ILE A 238 -11.98 38.19 -45.17
N GLY A 239 -11.16 38.60 -46.14
CA GLY A 239 -11.70 39.23 -47.36
C GLY A 239 -12.62 40.37 -47.00
N THR A 240 -13.85 40.39 -47.53
CA THR A 240 -14.83 41.50 -47.34
C THR A 240 -15.96 41.08 -46.39
N ASP A 241 -17.21 41.48 -46.67
CA ASP A 241 -18.40 41.15 -45.85
C ASP A 241 -18.57 39.64 -45.80
N LYS A 242 -18.10 38.94 -46.82
CA LYS A 242 -18.28 37.47 -46.92
C LYS A 242 -17.78 36.77 -45.67
N PHE A 243 -16.65 37.18 -45.08
CA PHE A 243 -16.03 36.46 -43.93
C PHE A 243 -15.43 37.42 -42.89
N PHE A 244 -15.36 36.99 -41.61
CA PHE A 244 -14.75 37.78 -40.50
C PHE A 244 -14.20 36.79 -39.48
N SER A 245 -13.09 36.10 -39.80
CA SER A 245 -12.51 35.03 -38.95
C SER A 245 -11.26 35.52 -38.23
N ASN A 246 -10.83 34.82 -37.18
CA ASN A 246 -9.54 35.09 -36.49
C ASN A 246 -8.66 33.85 -36.69
N GLN A 247 -8.35 33.11 -35.63
CA GLN A 247 -7.58 31.85 -35.68
C GLN A 247 -8.38 30.74 -35.00
N MET A 248 -9.54 31.08 -34.42
CA MET A 248 -10.36 30.12 -33.65
C MET A 248 -11.78 30.05 -34.19
N PHE A 249 -12.31 31.15 -34.73
CA PHE A 249 -13.72 31.26 -35.19
C PHE A 249 -13.79 31.92 -36.55
N THR A 250 -14.81 31.58 -37.34
CA THR A 250 -15.08 32.20 -38.66
C THR A 250 -16.48 32.81 -38.64
N ILE A 251 -16.61 34.09 -38.99
CA ILE A 251 -17.93 34.75 -39.16
C ILE A 251 -18.09 34.80 -40.67
N THR A 252 -19.04 34.07 -41.26
CA THR A 252 -19.23 34.05 -42.72
C THR A 252 -20.63 34.56 -43.06
N LYS A 253 -20.71 35.65 -43.83
CA LYS A 253 -22.01 36.21 -44.26
C LYS A 253 -22.74 35.08 -44.99
N THR A 254 -24.03 34.89 -44.70
CA THR A 254 -24.88 33.85 -45.34
C THR A 254 -25.89 34.54 -46.27
N TYR A 255 -26.40 35.70 -45.86
CA TYR A 255 -27.41 36.46 -46.64
C TYR A 255 -27.38 37.92 -46.17
N ASN A 256 -28.12 38.79 -46.85
CA ASN A 256 -28.15 40.22 -46.50
C ASN A 256 -28.23 40.38 -44.97
N ASN A 257 -29.13 39.66 -44.32
CA ASN A 257 -29.36 39.77 -42.86
C ASN A 257 -28.74 38.59 -42.11
N THR A 258 -27.95 37.72 -42.75
CA THR A 258 -27.46 36.47 -42.12
C THR A 258 -25.93 36.31 -42.07
N TYR A 259 -25.40 35.79 -40.97
CA TYR A 259 -23.97 35.40 -40.83
C TYR A 259 -24.00 34.09 -40.05
N ARG A 260 -23.39 33.01 -40.55
CA ARG A 260 -23.31 31.73 -39.81
C ARG A 260 -21.95 31.73 -39.13
N LEU A 261 -21.86 31.31 -37.87
CA LEU A 261 -20.55 31.23 -37.17
C LEU A 261 -19.92 29.85 -37.33
N ASN A 262 -18.85 29.75 -38.13
CA ASN A 262 -18.05 28.49 -38.21
C ASN A 262 -16.93 28.61 -37.17
N MET A 263 -16.10 27.58 -37.04
CA MET A 263 -14.96 27.59 -36.08
C MET A 263 -13.67 27.20 -36.81
N ASN A 264 -12.58 27.90 -36.55
CA ASN A 264 -11.28 27.66 -37.22
C ASN A 264 -10.77 26.28 -36.77
N GLN A 265 -10.10 25.55 -37.65
CA GLN A 265 -9.61 24.18 -37.35
C GLN A 265 -8.72 24.26 -36.10
N LYS A 266 -7.90 25.30 -36.00
CA LYS A 266 -6.99 25.44 -34.85
C LYS A 266 -7.83 25.30 -33.59
N LEU A 267 -8.96 25.98 -33.49
CA LEU A 267 -9.76 25.96 -32.25
C LEU A 267 -10.09 24.51 -31.91
N LEU A 268 -10.55 23.74 -32.89
CA LEU A 268 -10.93 22.32 -32.65
C LEU A 268 -9.69 21.61 -32.10
N ASP A 269 -8.54 21.78 -32.75
CA ASP A 269 -7.26 21.19 -32.28
C ASP A 269 -6.89 21.81 -30.94
N GLU A 270 -7.11 23.10 -30.77
CA GLU A 270 -6.66 23.86 -29.58
C GLU A 270 -7.23 23.20 -28.33
N MET A 271 -8.51 22.83 -28.35
CA MET A 271 -9.21 22.23 -27.18
C MET A 271 -9.34 20.72 -27.33
N LYS A 272 -9.37 20.22 -28.56
CA LYS A 272 -9.53 18.77 -28.81
C LYS A 272 -8.29 18.12 -28.19
N ASP A 273 -7.14 18.74 -28.42
CA ASP A 273 -5.86 18.25 -27.84
C ASP A 273 -6.03 18.30 -26.32
N LEU A 274 -6.62 19.37 -25.80
CA LEU A 274 -6.80 19.52 -24.32
C LEU A 274 -7.61 18.33 -23.81
N ILE A 275 -8.61 17.87 -24.56
CA ILE A 275 -9.50 16.74 -24.14
C ILE A 275 -8.63 15.51 -23.82
N SER A 276 -7.71 15.15 -24.71
CA SER A 276 -6.86 13.93 -24.55
C SER A 276 -5.51 14.26 -23.92
N ARG A 277 -4.84 15.32 -24.38
CA ARG A 277 -3.48 15.72 -23.92
C ARG A 277 -3.55 17.12 -23.29
N ILE A 278 -3.14 17.25 -22.03
CA ILE A 278 -3.25 18.55 -21.28
C ILE A 278 -2.36 19.63 -21.90
N ASP A 279 -1.12 19.30 -22.30
CA ASP A 279 -0.15 20.31 -22.79
C ASP A 279 0.58 19.83 -24.05
N GLY A 280 1.02 20.75 -24.90
CA GLY A 280 1.81 20.41 -26.11
C GLY A 280 0.94 19.89 -27.24
N GLY A 281 -0.38 19.84 -27.05
CA GLY A 281 -1.32 19.28 -28.05
C GLY A 281 -0.62 18.71 -29.26
N SER A 282 -0.78 19.30 -30.44
CA SER A 282 -0.06 18.89 -31.66
C SER A 282 0.75 20.09 -32.15
N GLY A 283 2.06 19.95 -32.31
CA GLY A 283 2.95 21.08 -32.68
C GLY A 283 3.07 21.24 -34.18
N ASN A 284 2.42 20.39 -34.98
CA ASN A 284 2.59 20.41 -36.46
C ASN A 284 4.10 20.32 -36.67
N ASP A 285 4.77 19.47 -35.87
CA ASP A 285 6.25 19.31 -35.92
C ASP A 285 6.69 18.66 -37.22
N THR A 286 7.93 18.92 -37.64
CA THR A 286 8.46 18.34 -38.91
C THR A 286 8.29 16.84 -38.83
N GLY A 287 7.81 16.20 -39.89
CA GLY A 287 7.52 14.75 -39.90
C GLY A 287 8.35 14.00 -40.91
N ALA A 288 7.91 12.81 -41.33
CA ALA A 288 8.62 11.98 -42.32
C ALA A 288 7.68 11.64 -43.48
N ASP A 289 8.25 11.20 -44.61
CA ASP A 289 7.45 10.88 -45.82
C ASP A 289 6.43 9.78 -45.55
N ASP A 290 5.29 9.83 -46.22
CA ASP A 290 4.26 8.77 -46.13
C ASP A 290 4.94 7.49 -46.63
N SER A 291 5.79 7.62 -47.65
CA SER A 291 6.53 6.48 -48.21
C SER A 291 7.37 5.85 -47.10
N ASP A 292 7.39 4.53 -47.00
CA ASP A 292 8.13 3.81 -45.93
C ASP A 292 9.62 4.13 -46.11
N GLY A 293 10.06 4.24 -47.35
CA GLY A 293 11.48 4.51 -47.63
C GLY A 293 12.33 3.50 -46.90
N ASP A 294 12.00 2.22 -46.99
CA ASP A 294 12.76 1.17 -46.29
C ASP A 294 14.20 1.31 -46.76
N HIS A 295 14.40 1.60 -48.03
CA HIS A 295 15.76 1.84 -48.54
C HIS A 295 16.35 3.00 -47.76
N GLY A 296 15.58 4.08 -47.60
CA GLY A 296 16.05 5.25 -46.85
C GLY A 296 16.46 4.84 -45.45
N GLY A 297 15.67 3.94 -44.83
CA GLY A 297 15.98 3.45 -43.48
C GLY A 297 17.00 2.32 -43.52
N LYS A 298 17.34 1.77 -42.35
CA LYS A 298 18.29 0.64 -42.27
C LYS A 298 17.58 -0.63 -42.73
N ALA A 299 16.33 -0.84 -42.31
CA ALA A 299 15.56 -2.07 -42.61
C ALA A 299 14.23 -2.07 -41.85
N GLY A 300 13.50 -3.19 -41.85
CA GLY A 300 12.24 -3.33 -41.09
C GLY A 300 11.00 -3.03 -41.92
N LYS A 301 9.81 -3.20 -41.34
CA LYS A 301 8.52 -2.95 -42.03
C LYS A 301 7.75 -1.85 -41.32
N SER A 302 6.98 -1.05 -42.06
CA SER A 302 6.18 0.06 -41.47
C SER A 302 4.73 0.00 -41.97
N VAL A 303 3.81 0.63 -41.24
CA VAL A 303 2.40 0.75 -41.70
C VAL A 303 2.00 2.23 -41.57
N ALA A 304 1.11 2.70 -42.45
CA ALA A 304 0.64 4.10 -42.40
C ALA A 304 -0.29 4.32 -41.21
N PRO A 305 -0.37 5.52 -40.62
CA PRO A 305 -1.39 5.78 -39.60
C PRO A 305 -2.72 5.51 -40.30
N ASN A 306 -3.66 4.82 -39.66
CA ASN A 306 -4.92 4.40 -40.32
C ASN A 306 -6.16 5.07 -39.70
N GLY A 307 -5.94 6.02 -38.78
CA GLY A 307 -7.08 6.62 -38.06
C GLY A 307 -7.42 5.76 -36.85
N LYS A 308 -8.71 5.55 -36.59
CA LYS A 308 -9.11 4.63 -35.48
C LYS A 308 -8.16 4.81 -34.30
N SER A 309 -8.16 6.00 -33.68
CA SER A 309 -7.23 6.29 -32.56
C SER A 309 -7.04 5.04 -31.70
N GLY A 310 -8.12 4.54 -31.10
CA GLY A 310 -8.05 3.31 -30.28
C GLY A 310 -6.95 3.39 -29.23
N ARG A 311 -6.23 2.29 -29.01
CA ARG A 311 -5.14 2.25 -28.00
C ARG A 311 -4.55 0.83 -27.97
N LYS A 312 -4.20 0.34 -26.78
CA LYS A 312 -3.67 -1.04 -26.66
C LYS A 312 -4.80 -2.05 -26.90
N ILE A 313 -4.70 -2.85 -27.97
CA ILE A 313 -5.75 -3.86 -28.27
C ILE A 313 -5.28 -5.23 -27.76
N GLY A 314 -4.38 -5.24 -26.77
CA GLY A 314 -3.91 -6.50 -26.17
C GLY A 314 -2.52 -6.19 -25.66
N GLY A 315 -1.97 -6.95 -24.71
CA GLY A 315 -0.57 -6.63 -24.34
C GLY A 315 -0.14 -6.85 -22.91
N ASN A 316 1.09 -6.44 -22.60
CA ASN A 316 1.70 -6.57 -21.24
C ASN A 316 2.09 -8.04 -21.04
N TRP A 317 2.13 -8.83 -22.12
CA TRP A 317 2.62 -10.22 -22.02
C TRP A 317 4.14 -10.22 -21.90
N THR A 318 4.69 -11.09 -21.07
CA THR A 318 6.15 -11.33 -21.06
C THR A 318 6.42 -12.17 -22.30
N TYR A 319 7.66 -12.38 -22.69
CA TYR A 319 7.98 -13.20 -23.88
C TYR A 319 7.44 -14.64 -23.71
N SER A 320 7.46 -15.18 -22.49
CA SER A 320 7.01 -16.58 -22.23
C SER A 320 5.49 -16.72 -22.48
N ASN A 321 4.68 -15.72 -22.09
CA ASN A 321 3.19 -15.82 -22.20
C ASN A 321 2.66 -15.02 -23.41
N LEU A 322 3.54 -14.52 -24.28
CA LEU A 322 3.12 -13.83 -25.53
C LEU A 322 2.44 -14.87 -26.45
N PRO A 323 1.21 -14.63 -26.94
CA PRO A 323 0.55 -15.55 -27.89
C PRO A 323 1.47 -15.87 -29.07
N GLN A 324 1.55 -17.15 -29.46
CA GLN A 324 2.51 -17.60 -30.50
C GLN A 324 2.41 -16.75 -31.76
N LYS A 325 1.22 -16.43 -32.25
CA LYS A 325 1.13 -15.67 -33.53
C LYS A 325 1.93 -14.37 -33.39
N TYR A 326 1.78 -13.66 -32.28
CA TYR A 326 2.51 -12.38 -32.05
C TYR A 326 4.01 -12.63 -31.87
N LYS A 327 4.38 -13.74 -31.22
CA LYS A 327 5.81 -14.11 -31.05
C LYS A 327 6.44 -14.37 -32.42
N ASP A 328 5.73 -15.07 -33.32
CA ASP A 328 6.23 -15.38 -34.67
C ASP A 328 6.41 -14.07 -35.45
N ALA A 329 5.54 -13.08 -35.23
CA ALA A 329 5.55 -11.80 -35.98
C ALA A 329 6.70 -10.88 -35.54
N ILE A 330 7.41 -11.17 -34.45
CA ILE A 330 8.48 -10.24 -33.97
C ILE A 330 9.63 -10.26 -35.00
N GLU A 331 9.99 -9.10 -35.53
CA GLU A 331 11.02 -9.00 -36.61
C GLU A 331 12.33 -8.42 -36.04
N VAL A 332 12.45 -8.26 -34.72
CA VAL A 332 13.69 -7.76 -34.08
C VAL A 332 14.23 -8.83 -33.13
N PRO A 333 15.55 -8.87 -32.86
CA PRO A 333 16.10 -9.83 -31.91
C PRO A 333 15.49 -9.66 -30.52
N LYS A 334 15.26 -10.77 -29.81
CA LYS A 334 14.69 -10.72 -28.45
C LYS A 334 15.61 -9.88 -27.57
N PHE A 335 15.06 -9.05 -26.70
CA PHE A 335 15.88 -8.13 -25.87
C PHE A 335 16.89 -8.91 -25.04
N ASP A 336 18.14 -8.45 -25.04
CA ASP A 336 19.24 -9.10 -24.28
C ASP A 336 19.61 -8.17 -23.11
N PRO A 337 19.40 -8.58 -21.84
CA PRO A 337 19.69 -7.72 -20.68
C PRO A 337 21.13 -7.20 -20.59
N LYS A 338 22.08 -7.79 -21.33
CA LYS A 338 23.50 -7.34 -21.29
C LYS A 338 23.58 -5.88 -21.77
N TYR A 339 22.69 -5.45 -22.67
CA TYR A 339 22.65 -4.05 -23.16
C TYR A 339 22.28 -3.10 -22.01
N LEU A 340 21.42 -3.53 -21.07
CA LEU A 340 21.04 -2.71 -19.90
C LEU A 340 22.29 -2.40 -19.08
N ALA A 341 23.20 -3.36 -18.92
CA ALA A 341 24.40 -3.16 -18.07
C ALA A 341 25.15 -1.92 -18.51
N GLY A 342 25.61 -1.10 -17.55
CA GLY A 342 26.28 0.19 -17.88
C GLY A 342 25.23 1.25 -18.15
N SER A 343 23.97 0.97 -17.84
CA SER A 343 22.85 1.91 -18.11
C SER A 343 23.00 3.22 -17.32
N PRO A 344 22.85 4.40 -17.96
CA PRO A 344 22.97 5.69 -17.27
C PRO A 344 21.79 5.93 -16.33
N PHE A 345 20.68 5.22 -16.50
CA PHE A 345 19.46 5.36 -15.68
C PHE A 345 19.66 4.76 -14.28
N VAL A 346 20.63 3.88 -14.10
CA VAL A 346 20.92 3.31 -12.76
C VAL A 346 21.40 4.43 -11.83
N ASN A 347 22.30 5.28 -12.31
CA ASN A 347 22.89 6.35 -11.45
C ASN A 347 21.80 7.36 -11.07
N THR A 348 20.82 7.62 -11.95
CA THR A 348 19.80 8.68 -11.70
C THR A 348 18.62 8.15 -10.87
N GLY A 349 18.59 6.86 -10.52
CA GLY A 349 17.46 6.26 -9.78
C GLY A 349 16.31 5.89 -10.71
N ASP A 350 16.55 5.89 -12.02
CA ASP A 350 15.50 5.63 -13.05
C ASP A 350 15.59 4.19 -13.55
N THR A 351 16.08 3.27 -12.73
CA THR A 351 16.20 1.84 -13.12
C THR A 351 14.82 1.28 -13.50
N GLY A 352 14.73 0.57 -14.61
CA GLY A 352 13.48 -0.10 -15.04
C GLY A 352 12.47 0.84 -15.68
N GLN A 353 12.84 2.10 -15.92
CA GLN A 353 11.93 3.07 -16.58
C GLN A 353 11.78 2.72 -18.06
N CYS A 354 10.69 3.16 -18.68
CA CYS A 354 10.41 2.88 -20.12
C CYS A 354 11.52 3.48 -20.99
N THR A 355 12.10 4.61 -20.58
CA THR A 355 13.23 5.26 -21.30
C THR A 355 14.47 4.37 -21.25
N GLU A 356 14.72 3.66 -20.15
CA GLU A 356 15.89 2.74 -20.03
C GLU A 356 15.74 1.58 -21.03
N LEU A 357 14.56 0.98 -21.15
CA LEU A 357 14.36 -0.10 -22.15
C LEU A 357 14.57 0.47 -23.54
N THR A 358 14.02 1.65 -23.82
CA THR A 358 14.14 2.26 -25.15
C THR A 358 15.62 2.45 -25.46
N TRP A 359 16.38 2.97 -24.50
CA TRP A 359 17.84 3.21 -24.68
C TRP A 359 18.57 1.90 -24.95
N ALA A 360 18.36 0.87 -24.11
CA ALA A 360 19.09 -0.41 -24.22
C ALA A 360 18.65 -1.21 -25.44
N TYR A 361 17.35 -1.28 -25.72
CA TYR A 361 16.82 -2.09 -26.86
C TYR A 361 17.21 -1.44 -28.18
N MET A 362 17.16 -0.12 -28.26
CA MET A 362 17.60 0.60 -29.48
C MET A 362 19.12 0.40 -29.64
N HIS A 363 19.88 0.35 -28.55
CA HIS A 363 21.34 0.06 -28.62
C HIS A 363 21.54 -1.34 -29.21
N GLN A 364 20.74 -2.32 -28.78
CA GLN A 364 20.84 -3.70 -29.31
C GLN A 364 20.48 -3.76 -30.80
N ILE A 365 19.39 -3.10 -31.21
CA ILE A 365 18.91 -3.17 -32.61
C ILE A 365 19.83 -2.39 -33.56
N TRP A 366 20.31 -1.21 -33.15
CA TRP A 366 21.09 -0.31 -34.05
C TRP A 366 22.61 -0.48 -33.87
N GLY A 367 23.07 -1.24 -32.87
CA GLY A 367 24.50 -1.57 -32.72
C GLY A 367 25.36 -0.43 -32.21
N LYS A 368 24.76 0.68 -31.80
CA LYS A 368 25.52 1.83 -31.24
C LYS A 368 24.86 2.32 -29.95
N ARG A 369 25.67 2.87 -29.04
CA ARG A 369 25.12 3.42 -27.78
C ARG A 369 24.17 4.56 -28.12
N GLN A 370 22.95 4.52 -27.61
CA GLN A 370 21.92 5.52 -27.95
C GLN A 370 21.94 6.68 -26.95
N PRO A 371 21.36 7.86 -27.28
CA PRO A 371 21.32 8.96 -26.33
C PRO A 371 20.27 8.74 -25.24
N ALA A 372 20.57 9.17 -24.01
CA ALA A 372 19.62 9.09 -22.88
C ALA A 372 19.06 10.48 -22.59
N TRP A 373 19.84 11.54 -22.81
CA TRP A 373 19.41 12.92 -22.45
C TRP A 373 20.01 13.98 -23.37
N ASP A 374 19.42 15.18 -23.37
CA ASP A 374 19.93 16.34 -24.17
C ASP A 374 19.97 17.55 -23.24
N ASN A 375 20.34 17.38 -21.96
CA ASN A 375 20.46 18.47 -20.96
C ASN A 375 19.05 18.93 -20.53
N GLN A 376 18.01 18.14 -20.84
CA GLN A 376 16.62 18.44 -20.42
C GLN A 376 16.04 17.15 -19.82
N VAL A 377 14.93 17.26 -19.10
CA VAL A 377 14.27 16.05 -18.54
C VAL A 377 13.84 15.17 -19.72
N THR A 378 14.26 13.91 -19.74
CA THR A 378 13.85 12.96 -20.80
C THR A 378 12.78 12.04 -20.23
N ASN A 379 11.65 11.94 -20.91
CA ASN A 379 10.52 11.10 -20.44
C ASN A 379 9.86 10.49 -21.67
N GLY A 380 8.84 9.63 -21.47
CA GLY A 380 8.22 8.90 -22.59
C GLY A 380 7.71 9.80 -23.71
N GLN A 381 7.05 10.90 -23.39
CA GLN A 381 6.50 11.80 -24.44
C GLN A 381 7.63 12.47 -25.21
N ARG A 382 8.76 12.85 -24.58
CA ARG A 382 9.81 13.66 -25.23
C ARG A 382 11.04 12.89 -25.75
N VAL A 383 11.21 11.60 -25.45
CA VAL A 383 12.48 10.88 -25.81
C VAL A 383 12.76 10.96 -27.32
N TRP A 384 11.74 11.06 -28.17
CA TRP A 384 11.94 11.20 -29.63
C TRP A 384 12.73 12.48 -29.94
N VAL A 385 12.54 13.55 -29.18
CA VAL A 385 13.28 14.83 -29.37
C VAL A 385 14.78 14.59 -29.11
N VAL A 386 15.11 13.83 -28.06
CA VAL A 386 16.54 13.54 -27.71
C VAL A 386 17.19 12.81 -28.89
N TYR A 387 16.49 11.81 -29.44
CA TYR A 387 17.02 11.04 -30.59
C TYR A 387 17.08 11.91 -31.85
N ARG A 388 16.04 12.68 -32.11
CA ARG A 388 16.01 13.55 -33.32
C ARG A 388 17.17 14.54 -33.26
N ASN A 389 17.44 15.13 -32.09
CA ASN A 389 18.51 16.14 -31.91
C ASN A 389 19.87 15.48 -32.21
N GLN A 390 19.95 14.15 -32.14
CA GLN A 390 21.20 13.40 -32.42
C GLN A 390 21.15 12.77 -33.83
N GLY A 391 20.19 13.21 -34.65
CA GLY A 391 20.05 12.65 -36.01
C GLY A 391 19.40 11.29 -36.01
N ALA A 392 18.15 11.17 -35.53
CA ALA A 392 17.49 9.84 -35.44
C ALA A 392 16.21 9.76 -36.30
N ARG A 393 16.05 10.64 -37.30
CA ARG A 393 14.90 10.54 -38.25
C ARG A 393 13.57 10.84 -37.56
N VAL A 394 12.79 9.80 -37.21
CA VAL A 394 11.43 9.95 -36.57
C VAL A 394 10.34 9.99 -37.66
N THR A 395 9.15 9.43 -37.37
CA THR A 395 8.04 9.37 -38.36
C THR A 395 6.71 9.16 -37.63
N HIS A 396 5.59 9.33 -38.33
CA HIS A 396 4.28 9.04 -37.68
C HIS A 396 3.92 7.58 -37.99
N ARG A 397 4.77 6.88 -38.74
CA ARG A 397 4.51 5.47 -39.12
C ARG A 397 5.12 4.51 -38.10
N PRO A 398 4.35 3.60 -37.46
CA PRO A 398 4.94 2.60 -36.60
C PRO A 398 5.86 1.78 -37.49
N THR A 399 7.13 1.68 -37.12
CA THR A 399 8.16 1.01 -37.95
C THR A 399 8.91 0.00 -37.08
N VAL A 400 9.08 -1.22 -37.58
CA VAL A 400 9.76 -2.28 -36.79
C VAL A 400 11.19 -1.81 -36.48
N GLY A 401 11.61 -1.91 -35.23
CA GLY A 401 12.97 -1.52 -34.81
C GLY A 401 13.06 -0.06 -34.42
N TYR A 402 11.93 0.66 -34.45
CA TYR A 402 11.91 2.11 -34.10
C TYR A 402 11.40 2.32 -32.68
N GLY A 403 11.96 3.30 -31.96
CA GLY A 403 11.41 3.65 -30.64
C GLY A 403 10.14 4.45 -30.85
N PHE A 404 9.30 4.56 -29.83
CA PHE A 404 8.10 5.43 -29.94
C PHE A 404 8.01 6.37 -28.74
N SER A 405 7.44 7.54 -28.92
CA SER A 405 7.14 8.48 -27.81
C SER A 405 5.64 8.71 -27.84
N SER A 406 4.95 8.52 -26.72
CA SER A 406 3.47 8.64 -26.67
C SER A 406 3.03 9.53 -25.51
N LYS A 407 2.31 10.60 -25.77
CA LYS A 407 1.73 11.45 -24.69
C LYS A 407 0.57 10.65 -24.10
N PRO A 408 0.05 10.96 -22.90
CA PRO A 408 -0.98 10.13 -22.24
C PRO A 408 -2.20 9.84 -23.12
N ASN A 409 -2.79 8.65 -23.02
CA ASN A 409 -3.95 8.21 -23.83
C ASN A 409 -3.44 7.32 -24.95
N TYR A 410 -2.16 7.42 -25.30
CA TYR A 410 -1.62 6.68 -26.47
C TYR A 410 -0.53 5.70 -26.08
N LEU A 411 -0.49 4.53 -26.73
CA LEU A 411 0.56 3.50 -26.54
C LEU A 411 0.85 3.27 -25.05
N GLN A 412 -0.18 3.28 -24.19
CA GLN A 412 -0.06 3.01 -22.73
C GLN A 412 0.42 4.21 -21.92
N ALA A 413 0.51 5.41 -22.50
CA ALA A 413 0.88 6.62 -21.73
C ALA A 413 -0.26 6.94 -20.77
N MET A 414 0.04 7.02 -19.47
CA MET A 414 -1.02 7.25 -18.45
C MET A 414 -0.84 8.61 -17.77
N LEU A 415 0.38 9.15 -17.69
CA LEU A 415 0.62 10.40 -16.92
C LEU A 415 0.89 11.59 -17.84
N PRO A 416 0.05 12.66 -17.82
CA PRO A 416 0.32 13.86 -18.61
C PRO A 416 1.65 14.49 -18.18
N GLY A 417 2.47 14.89 -19.16
CA GLY A 417 3.77 15.52 -18.89
C GLY A 417 4.87 14.49 -18.74
N VAL A 418 4.55 13.20 -18.61
CA VAL A 418 5.55 12.10 -18.53
C VAL A 418 5.49 11.27 -19.82
N GLY A 419 4.28 10.84 -20.21
CA GLY A 419 4.10 10.04 -21.44
C GLY A 419 4.58 8.62 -21.30
N HIS A 420 4.82 7.93 -22.42
CA HIS A 420 5.37 6.54 -22.40
C HIS A 420 6.24 6.32 -23.64
N THR A 421 7.17 5.36 -23.54
CA THR A 421 8.08 5.02 -24.67
C THR A 421 8.37 3.51 -24.68
N GLY A 422 8.86 3.02 -25.80
CA GLY A 422 9.20 1.60 -25.96
C GLY A 422 9.68 1.38 -27.39
N VAL A 423 9.73 0.14 -27.84
CA VAL A 423 10.22 -0.19 -29.21
C VAL A 423 9.13 -0.94 -29.98
N VAL A 424 8.93 -0.60 -31.26
CA VAL A 424 7.97 -1.34 -32.13
C VAL A 424 8.69 -2.62 -32.56
N VAL A 425 8.13 -3.79 -32.26
CA VAL A 425 8.81 -5.08 -32.54
C VAL A 425 8.11 -5.84 -33.67
N ALA A 426 6.86 -5.47 -34.02
CA ALA A 426 6.13 -6.08 -35.15
C ALA A 426 5.06 -5.14 -35.68
N VAL A 427 4.71 -5.24 -36.96
CA VAL A 427 3.57 -4.46 -37.56
C VAL A 427 2.69 -5.47 -38.30
N PHE A 428 1.37 -5.23 -38.34
CA PHE A 428 0.41 -6.21 -38.92
C PHE A 428 -0.31 -5.61 -40.13
N LYS A 429 -0.86 -6.46 -41.01
CA LYS A 429 -1.53 -6.02 -42.25
C LYS A 429 -2.72 -5.10 -41.94
N ASP A 430 -3.37 -5.29 -40.80
CA ASP A 430 -4.54 -4.47 -40.39
C ASP A 430 -4.06 -3.12 -39.84
N GLY A 431 -2.74 -2.90 -39.78
CA GLY A 431 -2.17 -1.61 -39.33
C GLY A 431 -1.98 -1.59 -37.83
N SER A 432 -2.33 -2.67 -37.12
CA SER A 432 -2.02 -2.76 -35.67
C SER A 432 -0.53 -3.07 -35.53
N PHE A 433 0.05 -2.87 -34.36
CA PHE A 433 1.49 -3.16 -34.17
C PHE A 433 1.80 -3.63 -32.74
N LEU A 434 2.91 -4.36 -32.58
CA LEU A 434 3.33 -4.88 -31.26
C LEU A 434 4.47 -4.03 -30.71
N THR A 435 4.41 -3.68 -29.43
CA THR A 435 5.46 -2.85 -28.79
C THR A 435 6.12 -3.61 -27.64
N ALA A 436 7.39 -3.34 -27.37
CA ALA A 436 8.10 -3.89 -26.19
C ALA A 436 8.20 -2.76 -25.17
N ASN A 437 7.84 -3.02 -23.92
CA ASN A 437 7.71 -1.95 -22.90
C ASN A 437 8.29 -2.28 -21.53
N TYR A 438 8.65 -1.26 -20.76
CA TYR A 438 9.07 -1.42 -19.35
C TYR A 438 8.16 -0.50 -18.55
N ASN A 439 8.05 -0.70 -17.23
CA ASN A 439 7.26 0.21 -16.34
C ASN A 439 5.79 0.29 -16.78
N VAL A 440 5.16 -0.84 -17.05
CA VAL A 440 3.69 -0.88 -17.34
C VAL A 440 3.09 -1.94 -16.40
N PRO A 441 1.77 -1.93 -16.10
CA PRO A 441 1.22 -2.94 -15.22
C PRO A 441 1.23 -4.33 -15.89
N PRO A 442 1.52 -5.43 -15.15
CA PRO A 442 1.77 -5.40 -13.69
C PRO A 442 3.22 -5.13 -13.26
N TYR A 443 4.18 -5.09 -14.18
CA TYR A 443 5.62 -4.95 -13.80
C TYR A 443 6.10 -3.50 -13.88
N TRP A 444 5.93 -2.78 -12.78
CA TRP A 444 6.39 -1.37 -12.70
C TRP A 444 7.89 -1.30 -12.50
N ALA A 445 8.48 -0.12 -12.73
CA ALA A 445 9.91 0.10 -12.45
C ALA A 445 10.13 -0.12 -10.95
N PRO A 446 11.28 -0.65 -10.46
CA PRO A 446 12.46 -1.00 -11.28
C PRO A 446 12.55 -2.46 -11.73
N SER A 447 11.42 -3.14 -11.98
CA SER A 447 11.40 -4.60 -12.30
C SER A 447 12.24 -4.99 -13.51
N ARG A 448 12.34 -4.15 -14.54
CA ARG A 448 13.10 -4.44 -15.79
C ARG A 448 12.50 -5.67 -16.49
N VAL A 449 11.20 -5.89 -16.35
CA VAL A 449 10.53 -7.01 -17.07
C VAL A 449 10.03 -6.46 -18.42
N VAL A 450 10.42 -7.09 -19.53
CA VAL A 450 9.97 -6.64 -20.89
C VAL A 450 8.54 -7.14 -21.12
N GLU A 451 7.64 -6.22 -21.42
CA GLU A 451 6.22 -6.56 -21.64
C GLU A 451 5.81 -6.17 -23.07
N TYR A 452 5.09 -7.07 -23.74
CA TYR A 452 4.68 -6.86 -25.14
C TYR A 452 3.20 -6.47 -25.21
N ALA A 453 2.90 -5.37 -25.90
CA ALA A 453 1.52 -4.87 -26.00
C ALA A 453 1.09 -4.64 -27.45
N LEU A 454 -0.10 -5.09 -27.82
CA LEU A 454 -0.67 -4.87 -29.16
C LEU A 454 -1.38 -3.50 -29.17
N ILE A 455 -1.03 -2.65 -30.13
CA ILE A 455 -1.59 -1.28 -30.23
C ILE A 455 -2.52 -1.19 -31.44
N ASP A 456 -3.63 -0.48 -31.28
CA ASP A 456 -4.65 -0.35 -32.35
C ASP A 456 -4.26 0.78 -33.31
N GLY A 457 -3.28 0.54 -34.17
CA GLY A 457 -2.93 1.50 -35.24
C GLY A 457 -2.53 2.87 -34.75
N VAL A 458 -2.65 3.88 -35.62
CA VAL A 458 -2.29 5.28 -35.26
C VAL A 458 -3.32 6.25 -35.83
N PRO A 459 -3.81 7.24 -35.06
CA PRO A 459 -4.70 8.27 -35.58
C PRO A 459 -3.98 9.12 -36.65
N GLU A 460 -4.69 9.51 -37.70
CA GLU A 460 -4.09 10.29 -38.81
C GLU A 460 -3.56 11.62 -38.28
N ASN A 461 -4.25 12.23 -37.31
CA ASN A 461 -3.89 13.59 -36.81
C ASN A 461 -3.28 13.53 -35.41
N ALA A 462 -2.61 12.43 -35.04
CA ALA A 462 -1.95 12.31 -33.72
C ALA A 462 -0.86 13.39 -33.57
N GLY A 463 -0.08 13.64 -34.62
CA GLY A 463 1.01 14.63 -34.56
C GLY A 463 2.02 14.27 -33.47
N ASP A 464 2.33 15.18 -32.55
CA ASP A 464 3.40 14.92 -31.55
C ASP A 464 2.84 14.09 -30.38
N ASN A 465 1.56 13.73 -30.40
CA ASN A 465 0.97 12.80 -29.40
C ASN A 465 1.67 11.45 -29.56
N ILE A 466 1.90 11.01 -30.80
CA ILE A 466 2.62 9.74 -31.07
C ILE A 466 3.74 10.00 -32.07
N MET A 467 4.99 9.76 -31.68
CA MET A 467 6.15 9.92 -32.60
C MET A 467 6.95 8.62 -32.63
N PHE A 468 7.39 8.19 -33.82
CA PHE A 468 8.19 6.95 -33.95
C PHE A 468 9.61 7.30 -34.39
N PHE A 469 10.62 7.08 -33.53
CA PHE A 469 12.00 7.51 -33.87
C PHE A 469 12.90 6.29 -34.10
N SER A 470 13.93 6.45 -34.94
CA SER A 470 14.90 5.35 -35.20
C SER A 470 16.04 5.43 -34.19
N GLY A 471 17.05 4.55 -34.30
CA GLY A 471 18.20 4.66 -33.40
C GLY A 471 19.24 5.48 -34.13
N ILE A 472 20.16 6.14 -33.43
CA ILE A 472 21.25 6.90 -34.10
C ILE A 472 22.19 5.89 -34.77
N LYS A 473 22.73 6.24 -35.95
CA LYS A 473 23.57 5.30 -36.75
C LYS A 473 25.06 5.50 -36.49
N VAL B 1 -9.94 -43.53 31.02
CA VAL B 1 -9.78 -43.38 29.54
C VAL B 1 -10.60 -42.17 29.10
N THR B 2 -11.82 -42.02 29.62
CA THR B 2 -12.69 -40.88 29.29
C THR B 2 -12.01 -39.57 29.68
N ASN B 3 -11.35 -39.55 30.85
CA ASN B 3 -10.65 -38.34 31.32
C ASN B 3 -9.48 -38.03 30.38
N GLU B 4 -8.73 -39.03 29.93
CA GLU B 4 -7.52 -38.80 29.09
C GLU B 4 -7.89 -38.13 27.76
N LYS B 5 -8.97 -38.55 27.12
CA LYS B 5 -9.40 -37.92 25.84
C LYS B 5 -9.83 -36.47 26.11
N GLY B 6 -10.58 -36.23 27.19
CA GLY B 6 -11.00 -34.86 27.54
C GLY B 6 -9.79 -33.99 27.81
N GLN B 7 -8.79 -34.52 28.53
CA GLN B 7 -7.56 -33.78 28.88
C GLN B 7 -6.81 -33.40 27.60
N ALA B 8 -6.64 -34.31 26.65
CA ALA B 8 -5.92 -34.04 25.39
C ALA B 8 -6.60 -32.92 24.60
N TYR B 9 -7.94 -32.88 24.61
CA TYR B 9 -8.70 -31.82 23.90
C TYR B 9 -8.50 -30.49 24.61
N THR B 10 -8.45 -30.49 25.94
CA THR B 10 -8.18 -29.27 26.73
C THR B 10 -6.75 -28.79 26.44
N GLU B 11 -5.77 -29.69 26.40
CA GLU B 11 -4.35 -29.35 26.12
C GLU B 11 -4.23 -28.75 24.72
N MET B 12 -4.92 -29.33 23.74
CA MET B 12 -4.90 -28.81 22.35
C MET B 12 -5.52 -27.41 22.31
N LEU B 13 -6.65 -27.19 22.98
CA LEU B 13 -7.30 -25.86 23.01
C LEU B 13 -6.39 -24.85 23.70
N GLN B 14 -5.75 -25.25 24.81
CA GLN B 14 -4.88 -24.33 25.59
C GLN B 14 -3.68 -23.94 24.73
N LEU B 15 -3.04 -24.89 24.06
CA LEU B 15 -1.86 -24.60 23.22
C LEU B 15 -2.29 -23.69 22.07
N PHE B 16 -3.42 -23.98 21.43
CA PHE B 16 -3.91 -23.20 20.28
C PHE B 16 -4.13 -21.74 20.71
N ASN B 17 -4.78 -21.55 21.86
CA ASN B 17 -5.08 -20.19 22.38
C ASN B 17 -3.79 -19.43 22.72
N LEU B 18 -2.80 -20.11 23.30
CA LEU B 18 -1.51 -19.45 23.63
C LEU B 18 -0.79 -19.04 22.34
N LEU B 19 -0.63 -19.96 21.38
CA LEU B 19 0.12 -19.68 20.13
C LEU B 19 -0.63 -18.63 19.31
N GLN B 20 -1.95 -18.54 19.46
CA GLN B 20 -2.77 -17.59 18.67
C GLN B 20 -2.33 -16.15 18.98
N GLN B 21 -1.82 -15.89 20.17
CA GLN B 21 -1.35 -14.52 20.55
C GLN B 21 -0.23 -14.04 19.64
N TRP B 22 0.60 -14.94 19.11
CA TRP B 22 1.76 -14.55 18.26
C TRP B 22 1.49 -14.79 16.78
N ASN B 23 0.30 -15.25 16.40
CA ASN B 23 0.01 -15.61 14.98
C ASN B 23 -1.21 -14.84 14.46
N ASP B 24 -1.05 -14.07 13.39
CA ASP B 24 -2.21 -13.36 12.77
C ASP B 24 -3.18 -14.42 12.23
N PHE B 25 -4.47 -14.26 12.48
CA PHE B 25 -5.50 -15.27 12.09
C PHE B 25 -6.36 -14.78 10.92
N TYR B 26 -6.09 -13.60 10.38
CA TYR B 26 -6.95 -13.00 9.34
C TYR B 26 -7.28 -14.01 8.24
N THR B 27 -6.35 -14.89 7.85
CA THR B 27 -6.59 -15.82 6.71
C THR B 27 -6.93 -17.24 7.20
N ALA B 28 -7.81 -17.93 6.49
CA ALA B 28 -8.21 -19.31 6.84
C ALA B 28 -6.99 -20.22 6.77
N GLU B 29 -6.09 -19.98 5.83
CA GLU B 29 -4.87 -20.82 5.65
C GLU B 29 -4.03 -20.79 6.92
N ASN B 30 -3.84 -19.62 7.52
CA ASN B 30 -3.03 -19.47 8.77
C ASN B 30 -3.71 -20.23 9.92
N ALA B 31 -5.04 -20.19 10.01
CA ALA B 31 -5.79 -20.90 11.08
C ALA B 31 -5.56 -22.41 10.96
N ASN B 32 -5.58 -22.91 9.73
CA ASN B 32 -5.37 -24.35 9.46
C ASN B 32 -3.92 -24.73 9.82
N ASN B 33 -2.98 -23.88 9.48
CA ASN B 33 -1.55 -24.13 9.78
C ASN B 33 -1.32 -24.20 11.30
N LEU B 34 -1.93 -23.31 12.07
CA LEU B 34 -1.75 -23.31 13.55
C LEU B 34 -2.35 -24.60 14.13
N LEU B 35 -3.50 -25.04 13.63
CA LEU B 35 -4.14 -26.29 14.11
C LEU B 35 -3.17 -27.47 13.91
N VAL B 36 -2.60 -27.59 12.71
CA VAL B 36 -1.65 -28.69 12.40
C VAL B 36 -0.41 -28.54 13.28
N ALA B 37 0.11 -27.33 13.43
CA ALA B 37 1.32 -27.05 14.21
C ALA B 37 1.13 -27.50 15.67
N CYS B 38 0.00 -27.13 16.27
CA CYS B 38 -0.32 -27.51 17.67
C CYS B 38 -0.38 -29.02 17.81
N GLN B 39 -0.99 -29.71 16.85
CA GLN B 39 -1.10 -31.19 16.91
C GLN B 39 0.30 -31.79 16.80
N GLN B 40 1.13 -31.31 15.87
CA GLN B 40 2.49 -31.86 15.68
C GLN B 40 3.33 -31.58 16.94
N LEU B 41 3.13 -30.44 17.60
CA LEU B 41 3.85 -30.15 18.87
C LEU B 41 3.40 -31.14 19.95
N LEU B 42 2.09 -31.36 20.10
CA LEU B 42 1.58 -32.25 21.16
C LEU B 42 1.94 -33.71 20.86
N ILE B 43 2.07 -34.10 19.59
CA ILE B 43 2.39 -35.50 19.20
C ILE B 43 3.89 -35.75 19.41
N ASN B 44 4.75 -34.82 19.01
CA ASN B 44 6.21 -35.06 19.01
C ASN B 44 6.88 -34.50 20.26
N TYR B 45 6.27 -33.52 20.93
CA TYR B 45 6.89 -32.83 22.10
C TYR B 45 5.86 -32.71 23.22
N ASN B 46 5.11 -33.77 23.52
CA ASN B 46 4.03 -33.72 24.51
C ASN B 46 4.55 -33.17 25.86
N GLU B 47 5.60 -33.75 26.42
CA GLU B 47 6.08 -33.36 27.78
C GLU B 47 6.49 -31.87 27.79
N PRO B 48 7.33 -31.37 26.87
CA PRO B 48 7.64 -29.93 26.81
C PRO B 48 6.39 -29.05 26.67
N VAL B 49 5.45 -29.46 25.82
CA VAL B 49 4.21 -28.66 25.57
C VAL B 49 3.36 -28.62 26.85
N ILE B 50 3.21 -29.74 27.55
CA ILE B 50 2.40 -29.79 28.80
C ILE B 50 3.08 -28.91 29.86
N LYS B 51 4.41 -28.91 29.94
CA LYS B 51 5.12 -28.03 30.89
C LYS B 51 4.83 -26.57 30.53
N PHE B 52 4.92 -26.21 29.25
CA PHE B 52 4.66 -24.82 28.78
C PHE B 52 3.21 -24.40 29.06
N ILE B 53 2.24 -25.27 28.80
CA ILE B 53 0.81 -24.96 29.02
C ILE B 53 0.57 -24.70 30.51
N ASN B 54 1.19 -25.49 31.38
CA ASN B 54 0.95 -25.40 32.84
C ASN B 54 1.88 -24.37 33.51
N ASP B 55 2.78 -23.73 32.78
CA ASP B 55 3.64 -22.68 33.36
C ASP B 55 2.82 -21.39 33.50
N GLU B 56 2.82 -20.80 34.70
CA GLU B 56 2.06 -19.55 34.97
C GLU B 56 2.99 -18.33 34.85
N ASN B 57 4.27 -18.53 34.53
CA ASN B 57 5.23 -17.41 34.39
C ASN B 57 4.87 -16.56 33.17
N GLU B 58 4.94 -15.24 33.31
CA GLU B 58 4.61 -14.29 32.20
C GLU B 58 5.65 -14.40 31.08
N ASP B 59 6.91 -14.68 31.39
CA ASP B 59 8.01 -14.71 30.39
C ASP B 59 8.22 -16.12 29.84
N LYS B 60 7.31 -17.07 30.09
CA LYS B 60 7.50 -18.47 29.65
C LYS B 60 7.65 -18.55 28.13
N SER B 61 8.58 -19.37 27.65
CA SER B 61 8.78 -19.57 26.20
C SER B 61 8.66 -21.06 25.85
N LEU B 62 7.85 -21.38 24.85
CA LEU B 62 7.73 -22.80 24.39
C LEU B 62 9.07 -23.24 23.81
N LEU B 63 9.84 -22.34 23.18
CA LEU B 63 11.15 -22.68 22.60
C LEU B 63 12.11 -23.16 23.70
N GLN B 64 12.05 -22.56 24.89
CA GLN B 64 12.93 -22.98 26.01
C GLN B 64 12.61 -24.43 26.39
N TYR B 65 11.34 -24.81 26.45
CA TYR B 65 10.93 -26.19 26.77
C TYR B 65 11.33 -27.16 25.64
N LEU B 66 11.33 -26.69 24.39
CA LEU B 66 11.59 -27.57 23.21
C LEU B 66 13.09 -27.70 22.92
N ALA B 67 13.88 -26.63 23.05
CA ALA B 67 15.31 -26.64 22.63
C ALA B 67 16.28 -26.28 23.75
N GLY B 68 15.80 -26.01 24.96
CA GLY B 68 16.69 -25.71 26.10
C GLY B 68 17.07 -24.24 26.14
N ASP B 69 18.09 -23.86 26.92
CA ASP B 69 18.45 -22.43 27.13
C ASP B 69 19.40 -21.92 26.03
N ASP B 70 19.78 -22.74 25.06
CA ASP B 70 20.75 -22.30 24.03
C ASP B 70 20.01 -21.53 22.93
N GLY B 71 20.29 -20.23 22.79
CA GLY B 71 19.59 -19.37 21.81
C GLY B 71 19.79 -19.82 20.38
N LEU B 72 20.93 -20.41 20.04
CA LEU B 72 21.19 -20.89 18.67
C LEU B 72 20.33 -22.12 18.39
N ALA B 73 20.22 -23.04 19.35
CA ALA B 73 19.36 -24.24 19.20
C ALA B 73 17.91 -23.80 19.10
N GLN B 74 17.48 -22.84 19.92
CA GLN B 74 16.09 -22.31 19.89
C GLN B 74 15.84 -21.71 18.50
N TRP B 75 16.78 -20.91 17.98
CA TRP B 75 16.68 -20.31 16.64
C TRP B 75 16.57 -21.38 15.55
N GLN B 76 17.42 -22.39 15.61
CA GLN B 76 17.43 -23.47 14.59
C GLN B 76 16.11 -24.23 14.63
N PHE B 77 15.61 -24.52 15.83
CA PHE B 77 14.30 -25.20 15.99
C PHE B 77 13.21 -24.30 15.43
N TYR B 78 13.18 -23.03 15.86
CA TYR B 78 12.13 -22.08 15.45
C TYR B 78 12.13 -21.97 13.93
N LYS B 79 13.31 -21.81 13.32
CA LYS B 79 13.42 -21.60 11.86
C LYS B 79 12.89 -22.82 11.11
N GLY B 80 13.26 -24.03 11.55
CA GLY B 80 12.77 -25.26 10.92
C GLY B 80 11.27 -25.39 11.09
N PHE B 81 10.76 -25.09 12.28
CA PHE B 81 9.31 -25.20 12.58
C PHE B 81 8.53 -24.18 11.75
N TYR B 82 8.97 -22.93 11.74
CA TYR B 82 8.30 -21.83 11.00
C TYR B 82 8.32 -22.16 9.50
N ASN B 83 9.42 -22.70 9.00
CA ASN B 83 9.53 -23.09 7.59
C ASN B 83 8.53 -24.19 7.23
N ASN B 84 8.25 -25.11 8.15
CA ASN B 84 7.37 -26.27 7.88
C ASN B 84 5.89 -25.90 8.07
N TYR B 85 5.57 -25.04 9.05
CA TYR B 85 4.16 -24.78 9.42
C TYR B 85 3.75 -23.31 9.27
N ASN B 86 4.70 -22.39 9.06
CA ASN B 86 4.40 -20.94 8.96
C ASN B 86 3.73 -20.49 10.26
N VAL B 87 4.24 -20.95 11.41
CA VAL B 87 3.64 -20.64 12.74
C VAL B 87 4.70 -20.14 13.72
N HIS B 88 4.38 -19.10 14.49
CA HIS B 88 5.27 -18.54 15.54
C HIS B 88 5.06 -19.33 16.85
N ILE B 89 6.14 -19.66 17.56
CA ILE B 89 6.08 -20.47 18.81
C ILE B 89 6.98 -19.83 19.88
N PHE B 90 7.14 -18.51 19.88
CA PHE B 90 8.05 -17.82 20.82
C PHE B 90 7.45 -17.79 22.23
N VAL C 1 22.32 16.02 -6.31
CA VAL C 1 21.37 16.09 -5.15
C VAL C 1 20.06 15.43 -5.58
N THR C 2 19.56 15.74 -6.78
CA THR C 2 18.29 15.19 -7.28
C THR C 2 18.41 13.67 -7.38
N ASN C 3 19.55 13.17 -7.83
CA ASN C 3 19.76 11.71 -7.99
C ASN C 3 19.72 11.01 -6.63
N GLU C 4 20.32 11.60 -5.59
CA GLU C 4 20.41 10.95 -4.26
C GLU C 4 19.01 10.73 -3.66
N LYS C 5 18.12 11.72 -3.77
CA LYS C 5 16.76 11.59 -3.24
C LYS C 5 16.01 10.52 -4.04
N GLY C 6 16.17 10.49 -5.37
CA GLY C 6 15.53 9.47 -6.21
C GLY C 6 16.02 8.09 -5.82
N GLN C 7 17.33 7.95 -5.58
CA GLN C 7 17.94 6.65 -5.21
C GLN C 7 17.39 6.18 -3.87
N ALA C 8 17.29 7.05 -2.86
CA ALA C 8 16.77 6.69 -1.53
C ALA C 8 15.33 6.20 -1.64
N TYR C 9 14.53 6.80 -2.54
CA TYR C 9 13.13 6.40 -2.78
C TYR C 9 13.10 5.01 -3.44
N THR C 10 14.03 4.73 -4.35
CA THR C 10 14.13 3.42 -5.04
C THR C 10 14.57 2.35 -4.05
N GLU C 11 15.57 2.63 -3.22
CA GLU C 11 16.09 1.67 -2.21
C GLU C 11 14.97 1.31 -1.23
N MET C 12 14.17 2.30 -0.81
CA MET C 12 13.03 2.08 0.12
C MET C 12 12.02 1.15 -0.54
N LEU C 13 11.66 1.42 -1.79
CA LEU C 13 10.63 0.62 -2.50
C LEU C 13 11.16 -0.79 -2.73
N GLN C 14 12.44 -0.93 -3.06
CA GLN C 14 13.06 -2.26 -3.31
C GLN C 14 13.07 -3.08 -2.01
N LEU C 15 13.50 -2.48 -0.91
CA LEU C 15 13.55 -3.19 0.40
C LEU C 15 12.13 -3.60 0.80
N PHE C 16 11.17 -2.68 0.67
CA PHE C 16 9.75 -2.94 1.03
C PHE C 16 9.24 -4.14 0.24
N ASN C 17 9.47 -4.17 -1.08
CA ASN C 17 8.99 -5.26 -1.96
C ASN C 17 9.66 -6.59 -1.61
N LEU C 18 10.95 -6.59 -1.25
CA LEU C 18 11.65 -7.83 -0.83
C LEU C 18 11.09 -8.35 0.49
N LEU C 19 10.99 -7.50 1.51
CA LEU C 19 10.52 -7.94 2.85
C LEU C 19 9.05 -8.35 2.77
N GLN C 20 8.30 -7.79 1.82
CA GLN C 20 6.86 -8.09 1.68
C GLN C 20 6.68 -9.59 1.39
N GLN C 21 7.65 -10.24 0.77
CA GLN C 21 7.53 -11.69 0.42
C GLN C 21 7.40 -12.54 1.70
N TRP C 22 7.96 -12.09 2.83
CA TRP C 22 7.94 -12.88 4.09
C TRP C 22 6.92 -12.32 5.09
N ASN C 23 6.18 -11.27 4.74
CA ASN C 23 5.25 -10.62 5.70
C ASN C 23 3.82 -10.58 5.14
N ASP C 24 2.85 -11.14 5.86
CA ASP C 24 1.44 -11.09 5.42
C ASP C 24 0.97 -9.63 5.43
N PHE C 25 0.29 -9.19 4.37
CA PHE C 25 -0.18 -7.79 4.23
C PHE C 25 -1.69 -7.69 4.40
N TYR C 26 -2.33 -8.73 4.91
CA TYR C 26 -3.82 -8.75 4.99
C TYR C 26 -4.28 -7.58 5.88
N THR C 27 -3.56 -7.23 6.94
CA THR C 27 -4.00 -6.17 7.88
C THR C 27 -3.27 -4.84 7.59
N ALA C 28 -3.98 -3.73 7.71
CA ALA C 28 -3.38 -2.39 7.47
C ALA C 28 -2.26 -2.19 8.50
N GLU C 29 -2.41 -2.69 9.72
CA GLU C 29 -1.41 -2.51 10.80
C GLU C 29 -0.06 -3.10 10.36
N ASN C 30 -0.07 -4.29 9.77
CA ASN C 30 1.18 -4.96 9.29
C ASN C 30 1.85 -4.11 8.21
N ALA C 31 1.08 -3.47 7.34
CA ALA C 31 1.62 -2.64 6.25
C ALA C 31 2.39 -1.43 6.81
N ASN C 32 1.83 -0.75 7.81
CA ASN C 32 2.51 0.41 8.46
C ASN C 32 3.77 -0.07 9.17
N ASN C 33 3.71 -1.22 9.83
CA ASN C 33 4.88 -1.78 10.55
C ASN C 33 6.02 -2.07 9.59
N LEU C 34 5.73 -2.66 8.41
CA LEU C 34 6.81 -2.96 7.44
C LEU C 34 7.40 -1.65 6.91
N LEU C 35 6.57 -0.64 6.65
CA LEU C 35 7.06 0.67 6.15
C LEU C 35 8.03 1.27 7.17
N VAL C 36 7.69 1.24 8.46
CA VAL C 36 8.56 1.77 9.55
C VAL C 36 9.82 0.91 9.66
N ALA C 37 9.68 -0.42 9.58
CA ALA C 37 10.82 -1.36 9.71
C ALA C 37 11.82 -1.08 8.58
N CYS C 38 11.36 -0.91 7.36
CA CYS C 38 12.25 -0.63 6.20
C CYS C 38 12.98 0.69 6.41
N GLN C 39 12.30 1.72 6.90
CA GLN C 39 12.93 3.04 7.15
C GLN C 39 14.00 2.87 8.24
N GLN C 40 13.70 2.16 9.32
CA GLN C 40 14.67 1.97 10.43
C GLN C 40 15.86 1.14 9.94
N LEU C 41 15.65 0.16 9.06
CA LEU C 41 16.76 -0.62 8.49
C LEU C 41 17.64 0.30 7.62
N LEU C 42 17.04 1.11 6.75
CA LEU C 42 17.82 1.97 5.83
C LEU C 42 18.52 3.09 6.62
N ILE C 43 17.96 3.52 7.76
CA ILE C 43 18.55 4.62 8.56
C ILE C 43 19.71 4.09 9.39
N ASN C 44 19.55 2.92 10.02
CA ASN C 44 20.56 2.40 10.98
C ASN C 44 21.51 1.41 10.32
N TYR C 45 21.12 0.77 9.22
CA TYR C 45 21.93 -0.29 8.58
C TYR C 45 21.98 -0.06 7.07
N ASN C 46 22.20 1.17 6.63
CA ASN C 46 22.17 1.51 5.19
C ASN C 46 23.10 0.60 4.38
N GLU C 47 24.38 0.48 4.76
CA GLU C 47 25.35 -0.28 3.94
C GLU C 47 24.93 -1.75 3.84
N PRO C 48 24.62 -2.47 4.95
CA PRO C 48 24.10 -3.84 4.86
C PRO C 48 22.86 -3.96 3.98
N VAL C 49 21.92 -3.04 4.13
CA VAL C 49 20.64 -3.06 3.36
C VAL C 49 20.92 -2.87 1.87
N ILE C 50 21.80 -1.93 1.51
CA ILE C 50 22.14 -1.68 0.07
C ILE C 50 22.83 -2.92 -0.50
N LYS C 51 23.69 -3.59 0.26
CA LYS C 51 24.33 -4.85 -0.21
C LYS C 51 23.25 -5.90 -0.45
N PHE C 52 22.31 -6.06 0.47
CA PHE C 52 21.21 -7.05 0.37
C PHE C 52 20.31 -6.75 -0.84
N ILE C 53 19.96 -5.48 -1.05
CA ILE C 53 19.08 -5.07 -2.19
C ILE C 53 19.77 -5.39 -3.51
N ASN C 54 21.08 -5.15 -3.59
CA ASN C 54 21.84 -5.33 -4.86
C ASN C 54 22.36 -6.76 -5.03
N ASP C 55 22.14 -7.65 -4.05
CA ASP C 55 22.55 -9.06 -4.20
C ASP C 55 21.55 -9.79 -5.12
N GLU C 56 22.05 -10.47 -6.15
CA GLU C 56 21.18 -11.21 -7.11
C GLU C 56 21.11 -12.68 -6.73
N ASN C 57 21.78 -13.11 -5.65
CA ASN C 57 21.73 -14.52 -5.20
C ASN C 57 20.32 -14.87 -4.70
N GLU C 58 19.81 -16.04 -5.06
CA GLU C 58 18.45 -16.49 -4.64
C GLU C 58 18.45 -16.74 -3.13
N ASP C 59 19.56 -17.19 -2.54
CA ASP C 59 19.61 -17.59 -1.10
C ASP C 59 20.08 -16.42 -0.23
N LYS C 60 20.09 -15.18 -0.74
CA LYS C 60 20.57 -14.02 0.03
C LYS C 60 19.73 -13.80 1.29
N SER C 61 20.37 -13.48 2.41
CA SER C 61 19.65 -13.20 3.67
C SER C 61 20.04 -11.82 4.20
N LEU C 62 19.05 -11.00 4.52
CA LEU C 62 19.31 -9.66 5.10
C LEU C 62 19.97 -9.85 6.47
N LEU C 63 19.62 -10.90 7.22
CA LEU C 63 20.21 -11.17 8.55
C LEU C 63 21.71 -11.39 8.43
N GLN C 64 22.18 -12.04 7.37
CA GLN C 64 23.62 -12.29 7.16
C GLN C 64 24.34 -10.94 7.02
N TYR C 65 23.77 -10.01 6.26
CA TYR C 65 24.37 -8.66 6.07
C TYR C 65 24.33 -7.86 7.39
N LEU C 66 23.31 -8.07 8.21
CA LEU C 66 23.11 -7.27 9.46
C LEU C 66 23.90 -7.84 10.64
N ALA C 67 23.97 -9.16 10.81
CA ALA C 67 24.58 -9.78 12.01
C ALA C 67 25.74 -10.73 11.69
N GLY C 68 26.10 -10.91 10.42
CA GLY C 68 27.23 -11.78 10.05
C GLY C 68 26.83 -13.23 9.94
N ASP C 69 27.78 -14.16 9.90
CA ASP C 69 27.48 -15.61 9.66
C ASP C 69 27.11 -16.34 10.96
N ASP C 70 27.11 -15.67 12.11
CA ASP C 70 26.83 -16.36 13.40
C ASP C 70 25.31 -16.51 13.58
N GLY C 71 24.80 -17.74 13.56
CA GLY C 71 23.35 -17.99 13.66
C GLY C 71 22.75 -17.49 14.95
N LEU C 72 23.50 -17.51 16.05
CA LEU C 72 22.98 -17.02 17.36
C LEU C 72 22.84 -15.50 17.30
N ALA C 73 23.81 -14.79 16.73
CA ALA C 73 23.74 -13.31 16.58
C ALA C 73 22.58 -12.96 15.64
N GLN C 74 22.43 -13.70 14.54
CA GLN C 74 21.32 -13.46 13.58
C GLN C 74 19.99 -13.66 14.32
N TRP C 75 19.87 -14.71 15.11
CA TRP C 75 18.63 -15.01 15.86
C TRP C 75 18.35 -13.91 16.90
N GLN C 76 19.37 -13.47 17.62
CA GLN C 76 19.21 -12.41 18.66
C GLN C 76 18.77 -11.12 17.97
N PHE C 77 19.37 -10.78 16.84
CA PHE C 77 18.99 -9.57 16.07
C PHE C 77 17.55 -9.73 15.60
N TYR C 78 17.23 -10.86 14.98
CA TYR C 78 15.90 -11.10 14.40
C TYR C 78 14.85 -10.99 15.51
N LYS C 79 15.12 -11.63 16.66
CA LYS C 79 14.14 -11.65 17.77
C LYS C 79 13.89 -10.23 18.30
N GLY C 80 14.95 -9.43 18.47
CA GLY C 80 14.80 -8.04 18.90
C GLY C 80 14.05 -7.22 17.88
N PHE C 81 14.37 -7.38 16.60
CA PHE C 81 13.72 -6.64 15.50
C PHE C 81 12.24 -7.02 15.41
N TYR C 82 11.93 -8.31 15.44
CA TYR C 82 10.53 -8.80 15.32
C TYR C 82 9.71 -8.33 16.52
N ASN C 83 10.28 -8.34 17.72
CA ASN C 83 9.57 -7.84 18.92
C ASN C 83 9.22 -6.37 18.73
N ASN C 84 10.15 -5.57 18.20
CA ASN C 84 9.97 -4.09 18.04
C ASN C 84 9.05 -3.73 16.87
N TYR C 85 9.10 -4.44 15.74
CA TYR C 85 8.34 -4.03 14.53
C TYR C 85 7.32 -5.07 14.06
N ASN C 86 7.32 -6.29 14.61
CA ASN C 86 6.41 -7.39 14.14
C ASN C 86 6.66 -7.62 12.65
N VAL C 87 7.93 -7.63 12.23
CA VAL C 87 8.31 -7.79 10.79
C VAL C 87 9.36 -8.89 10.61
N HIS C 88 9.19 -9.73 9.60
CA HIS C 88 10.16 -10.79 9.25
C HIS C 88 11.23 -10.22 8.32
N ILE C 89 12.50 -10.56 8.53
CA ILE C 89 13.64 -10.02 7.74
C ILE C 89 14.58 -11.17 7.35
N PHE C 90 14.08 -12.37 7.14
CA PHE C 90 14.94 -13.55 6.84
C PHE C 90 15.47 -13.49 5.40
N VAL D 1 24.99 13.58 4.45
CA VAL D 1 24.47 12.51 3.55
C VAL D 1 23.53 11.60 4.36
N THR D 2 23.91 11.27 5.59
CA THR D 2 23.10 10.38 6.46
C THR D 2 21.72 11.02 6.69
N ASN D 3 21.67 12.34 6.88
CA ASN D 3 20.39 13.04 7.13
C ASN D 3 19.51 12.96 5.88
N GLU D 4 20.08 13.11 4.69
CA GLU D 4 19.29 13.13 3.43
C GLU D 4 18.57 11.80 3.21
N LYS D 5 19.23 10.67 3.44
CA LYS D 5 18.58 9.35 3.29
C LYS D 5 17.48 9.21 4.33
N GLY D 6 17.72 9.62 5.57
CA GLY D 6 16.69 9.56 6.63
C GLY D 6 15.49 10.42 6.24
N GLN D 7 15.74 11.61 5.70
CA GLN D 7 14.66 12.53 5.30
C GLN D 7 13.82 11.90 4.18
N ALA D 8 14.45 11.31 3.16
CA ALA D 8 13.75 10.65 2.03
C ALA D 8 12.84 9.54 2.55
N TYR D 9 13.27 8.79 3.57
CA TYR D 9 12.46 7.69 4.15
C TYR D 9 11.27 8.29 4.92
N THR D 10 11.49 9.41 5.62
CA THR D 10 10.41 10.11 6.36
C THR D 10 9.40 10.66 5.36
N GLU D 11 9.85 11.31 4.29
CA GLU D 11 8.96 11.90 3.24
C GLU D 11 8.10 10.79 2.62
N MET D 12 8.70 9.63 2.34
CA MET D 12 7.97 8.50 1.71
C MET D 12 6.91 7.98 2.69
N LEU D 13 7.25 7.85 3.97
CA LEU D 13 6.28 7.34 4.98
C LEU D 13 5.15 8.36 5.18
N GLN D 14 5.48 9.65 5.21
CA GLN D 14 4.48 10.71 5.39
C GLN D 14 3.51 10.74 4.20
N LEU D 15 4.05 10.70 2.98
CA LEU D 15 3.20 10.69 1.76
C LEU D 15 2.31 9.45 1.79
N PHE D 16 2.88 8.29 2.09
CA PHE D 16 2.12 7.01 2.11
C PHE D 16 0.96 7.12 3.09
N ASN D 17 1.21 7.61 4.30
CA ASN D 17 0.17 7.73 5.36
C ASN D 17 -0.93 8.72 4.95
N LEU D 18 -0.57 9.82 4.30
CA LEU D 18 -1.57 10.81 3.82
C LEU D 18 -2.45 10.18 2.73
N LEU D 19 -1.84 9.58 1.70
CA LEU D 19 -2.60 9.01 0.56
C LEU D 19 -3.43 7.82 1.05
N GLN D 20 -2.99 7.15 2.11
CA GLN D 20 -3.70 5.95 2.63
C GLN D 20 -5.12 6.35 3.07
N GLN D 21 -5.33 7.60 3.48
CA GLN D 21 -6.66 8.05 3.96
C GLN D 21 -7.70 7.96 2.82
N TRP D 22 -7.29 8.09 1.57
CA TRP D 22 -8.23 8.08 0.41
C TRP D 22 -8.18 6.75 -0.34
N ASN D 23 -7.38 5.78 0.10
CA ASN D 23 -7.19 4.52 -0.65
C ASN D 23 -7.52 3.28 0.19
N ASP D 24 -8.41 2.42 -0.30
CA ASP D 24 -8.75 1.16 0.40
C ASP D 24 -7.51 0.29 0.47
N PHE D 25 -7.22 -0.30 1.63
CA PHE D 25 -6.03 -1.15 1.84
C PHE D 25 -6.44 -2.61 2.06
N TYR D 26 -7.69 -2.96 1.77
CA TYR D 26 -8.19 -4.33 2.03
C TYR D 26 -7.34 -5.35 1.26
N THR D 27 -6.94 -5.06 0.03
CA THR D 27 -6.19 -6.05 -0.81
C THR D 27 -4.69 -5.74 -0.81
N ALA D 28 -3.86 -6.79 -0.83
CA ALA D 28 -2.40 -6.63 -0.87
C ALA D 28 -2.02 -5.88 -2.15
N GLU D 29 -2.74 -6.11 -3.25
CA GLU D 29 -2.43 -5.48 -4.56
C GLU D 29 -2.52 -3.95 -4.43
N ASN D 30 -3.55 -3.43 -3.76
CA ASN D 30 -3.74 -1.97 -3.57
C ASN D 30 -2.59 -1.40 -2.74
N ALA D 31 -2.18 -2.10 -1.68
CA ALA D 31 -1.09 -1.65 -0.80
C ALA D 31 0.18 -1.48 -1.65
N ASN D 32 0.46 -2.44 -2.53
CA ASN D 32 1.62 -2.36 -3.46
C ASN D 32 1.43 -1.19 -4.40
N ASN D 33 0.21 -0.99 -4.89
CA ASN D 33 -0.10 0.11 -5.84
C ASN D 33 0.18 1.47 -5.19
N LEU D 34 -0.23 1.66 -3.93
CA LEU D 34 0.01 2.96 -3.24
C LEU D 34 1.51 3.15 -3.02
N LEU D 35 2.25 2.10 -2.66
CA LEU D 35 3.72 2.21 -2.46
C LEU D 35 4.37 2.68 -3.77
N VAL D 36 4.00 2.06 -4.89
CA VAL D 36 4.57 2.41 -6.23
C VAL D 36 4.14 3.84 -6.57
N ALA D 37 2.88 4.20 -6.31
CA ALA D 37 2.33 5.53 -6.63
C ALA D 37 3.11 6.60 -5.87
N CYS D 38 3.41 6.35 -4.59
CA CYS D 38 4.14 7.32 -3.73
C CYS D 38 5.56 7.50 -4.23
N GLN D 39 6.24 6.43 -4.64
CA GLN D 39 7.66 6.52 -5.05
C GLN D 39 7.75 7.24 -6.40
N GLN D 40 6.77 7.05 -7.28
CA GLN D 40 6.73 7.76 -8.60
C GLN D 40 6.40 9.24 -8.37
N LEU D 41 5.56 9.55 -7.39
CA LEU D 41 5.27 10.97 -7.04
C LEU D 41 6.54 11.65 -6.52
N LEU D 42 7.28 11.02 -5.62
CA LEU D 42 8.51 11.62 -5.04
C LEU D 42 9.61 11.75 -6.11
N ILE D 43 9.69 10.81 -7.04
CA ILE D 43 10.75 10.83 -8.10
C ILE D 43 10.42 11.89 -9.15
N ASN D 44 9.17 11.99 -9.59
CA ASN D 44 8.80 12.88 -10.72
C ASN D 44 8.27 14.24 -10.26
N TYR D 45 7.75 14.34 -9.03
CA TYR D 45 7.09 15.58 -8.53
C TYR D 45 7.59 15.89 -7.10
N ASN D 46 8.88 15.73 -6.86
CA ASN D 46 9.47 15.92 -5.49
C ASN D 46 9.02 17.25 -4.88
N GLU D 47 9.33 18.39 -5.50
CA GLU D 47 9.06 19.72 -4.89
C GLU D 47 7.56 19.86 -4.57
N PRO D 48 6.62 19.59 -5.50
CA PRO D 48 5.19 19.60 -5.19
C PRO D 48 4.81 18.69 -4.00
N VAL D 49 5.33 17.47 -3.99
CA VAL D 49 5.02 16.48 -2.93
C VAL D 49 5.53 16.99 -1.58
N ILE D 50 6.73 17.56 -1.54
CA ILE D 50 7.33 18.07 -0.27
C ILE D 50 6.50 19.26 0.22
N LYS D 51 6.01 20.12 -0.68
CA LYS D 51 5.13 21.24 -0.28
C LYS D 51 3.83 20.67 0.31
N PHE D 52 3.24 19.67 -0.32
CA PHE D 52 1.99 19.03 0.15
C PHE D 52 2.18 18.36 1.51
N ILE D 53 3.29 17.64 1.70
CA ILE D 53 3.57 16.93 2.98
C ILE D 53 3.70 17.97 4.10
N ASN D 54 4.34 19.11 3.84
CA ASN D 54 4.62 20.13 4.88
C ASN D 54 3.47 21.14 5.02
N ASP D 55 2.42 21.03 4.21
CA ASP D 55 1.24 21.93 4.36
C ASP D 55 0.41 21.46 5.56
N GLU D 56 0.08 22.37 6.47
CA GLU D 56 -0.72 22.03 7.69
C GLU D 56 -2.20 22.38 7.46
N ASN D 57 -2.55 22.91 6.29
CA ASN D 57 -3.96 23.26 5.97
C ASN D 57 -4.81 21.98 5.87
N GLU D 58 -6.01 21.98 6.44
CA GLU D 58 -6.92 20.80 6.41
C GLU D 58 -7.39 20.56 4.97
N ASP D 59 -7.57 21.61 4.17
CA ASP D 59 -8.14 21.48 2.79
C ASP D 59 -7.04 21.32 1.73
N LYS D 60 -5.80 21.03 2.14
CA LYS D 60 -4.68 20.91 1.18
C LYS D 60 -4.94 19.79 0.16
N SER D 61 -4.62 20.02 -1.10
CA SER D 61 -4.78 19.00 -2.16
C SER D 61 -3.45 18.76 -2.88
N LEU D 62 -3.03 17.51 -3.00
CA LEU D 62 -1.80 17.17 -3.73
C LEU D 62 -1.99 17.54 -5.21
N LEU D 63 -3.19 17.42 -5.75
CA LEU D 63 -3.48 17.77 -7.17
C LEU D 63 -3.20 19.26 -7.41
N GLN D 64 -3.49 20.13 -6.46
CA GLN D 64 -3.23 21.58 -6.61
C GLN D 64 -1.72 21.81 -6.75
N TYR D 65 -0.90 21.11 -5.96
CA TYR D 65 0.57 21.25 -6.04
C TYR D 65 1.10 20.65 -7.34
N LEU D 66 0.46 19.61 -7.87
CA LEU D 66 0.94 18.89 -9.09
C LEU D 66 0.47 19.55 -10.38
N ALA D 67 -0.77 20.04 -10.45
CA ALA D 67 -1.35 20.55 -11.72
C ALA D 67 -1.82 22.01 -11.63
N GLY D 68 -1.66 22.67 -10.48
CA GLY D 68 -2.05 24.09 -10.35
C GLY D 68 -3.53 24.24 -10.02
N ASP D 69 -4.08 25.45 -10.15
CA ASP D 69 -5.49 25.72 -9.73
C ASP D 69 -6.50 25.38 -10.84
N ASP D 70 -6.05 24.91 -11.99
CA ASP D 70 -6.99 24.62 -13.11
C ASP D 70 -7.63 23.25 -12.90
N GLY D 71 -8.94 23.22 -12.67
CA GLY D 71 -9.62 21.94 -12.35
C GLY D 71 -9.47 20.96 -13.48
N LEU D 72 -9.48 21.41 -14.73
CA LEU D 72 -9.44 20.45 -15.87
C LEU D 72 -8.06 19.80 -15.90
N ALA D 73 -6.99 20.58 -15.69
CA ALA D 73 -5.62 20.04 -15.63
C ALA D 73 -5.53 19.05 -14.46
N GLN D 74 -6.08 19.40 -13.31
CA GLN D 74 -6.09 18.50 -12.12
C GLN D 74 -6.82 17.21 -12.48
N TRP D 75 -7.97 17.32 -13.13
CA TRP D 75 -8.77 16.13 -13.53
C TRP D 75 -7.98 15.26 -14.52
N GLN D 76 -7.35 15.86 -15.51
CA GLN D 76 -6.59 15.10 -16.54
C GLN D 76 -5.40 14.40 -15.88
N PHE D 77 -4.71 15.09 -14.98
CA PHE D 77 -3.58 14.48 -14.24
C PHE D 77 -4.11 13.33 -13.39
N TYR D 78 -5.17 13.57 -12.62
CA TYR D 78 -5.72 12.55 -11.71
C TYR D 78 -6.13 11.31 -12.51
N LYS D 79 -6.84 11.51 -13.61
CA LYS D 79 -7.37 10.39 -14.42
C LYS D 79 -6.20 9.57 -14.99
N GLY D 80 -5.17 10.25 -15.45
CA GLY D 80 -3.97 9.57 -15.98
C GLY D 80 -3.25 8.79 -14.89
N PHE D 81 -3.09 9.41 -13.72
CA PHE D 81 -2.40 8.78 -12.57
C PHE D 81 -3.20 7.58 -12.07
N TYR D 82 -4.51 7.73 -11.91
CA TYR D 82 -5.39 6.66 -11.41
C TYR D 82 -5.39 5.49 -12.38
N ASN D 83 -5.42 5.76 -13.69
CA ASN D 83 -5.35 4.66 -14.68
C ASN D 83 -4.04 3.89 -14.52
N ASN D 84 -2.92 4.58 -14.32
CA ASN D 84 -1.58 3.94 -14.23
C ASN D 84 -1.39 3.22 -12.89
N TYR D 85 -1.82 3.77 -11.76
CA TYR D 85 -1.49 3.19 -10.43
C TYR D 85 -2.71 2.71 -9.64
N ASN D 86 -3.95 3.01 -10.09
CA ASN D 86 -5.18 2.66 -9.33
C ASN D 86 -5.07 3.28 -7.93
N VAL D 87 -4.62 4.54 -7.85
CA VAL D 87 -4.43 5.24 -6.55
C VAL D 87 -5.09 6.62 -6.56
N HIS D 88 -5.81 6.96 -5.49
CA HIS D 88 -6.43 8.30 -5.31
C HIS D 88 -5.39 9.27 -4.73
N ILE D 89 -5.36 10.50 -5.24
CA ILE D 89 -4.36 11.53 -4.80
C ILE D 89 -5.06 12.88 -4.57
N PHE D 90 -6.32 12.88 -4.14
CA PHE D 90 -7.10 14.14 -3.98
C PHE D 90 -6.64 14.90 -2.73
#